data_2PJT
#
_entry.id   2PJT
#
_cell.length_a   135.352
_cell.length_b   35.789
_cell.length_c   139.405
_cell.angle_alpha   90.00
_cell.angle_beta   108.94
_cell.angle_gamma   90.00
#
_symmetry.space_group_name_H-M   'C 1 2 1'
#
loop_
_entity.id
_entity.type
_entity.pdbx_description
1 polymer 'Collagenase 3'
2 non-polymer 'ZINC ION'
3 non-polymer 'CALCIUM ION'
4 non-polymer 'TERT-BUTYL 4-({[4-(BUT-2-YN-1-YLAMINO)PHENYL]SULFONYL}METHYL)-4-[(HYDROXYAMINO)CARBONYL]PIPERIDINE-1-CARBOXYLATE'
5 water water
#
_entity_poly.entity_id   1
_entity_poly.type   'polypeptide(L)'
_entity_poly.pdbx_seq_one_letter_code
;YNVFPRTLKWSKMNLTYRIVNYTPDMTHSEVEKAFKKAFKVWSDVTPLNFTRLHDGIADIMISFGIKEHGDFYPFDGPSG
LLAHAFPPGPNYGGDAHFDDDETWTSSSKGYNLFLVAAHEFGHSLGLDHSKDPGALMFPIYTYTGKSHFMLPDDDVQGIQ
SLYGP
;
_entity_poly.pdbx_strand_id   A,B,C,D
#
loop_
_chem_comp.id
_chem_comp.type
_chem_comp.name
_chem_comp.formula
347 non-polymer 'TERT-BUTYL 4-({[4-(BUT-2-YN-1-YLAMINO)PHENYL]SULFONYL}METHYL)-4-[(HYDROXYAMINO)CARBONYL]PIPERIDINE-1-CARBOXYLATE' 'C22 H31 N3 O6 S'
CA non-polymer 'CALCIUM ION' 'Ca 2'
ZN non-polymer 'ZINC ION' 'Zn 2'
#
# COMPACT_ATOMS: atom_id res chain seq x y z
N TYR A 1 60.69 -4.99 -16.00
CA TYR A 1 59.89 -5.19 -14.76
C TYR A 1 60.70 -4.88 -13.51
N ASN A 2 60.00 -4.66 -12.40
CA ASN A 2 60.66 -4.37 -11.14
C ASN A 2 60.09 -5.21 -10.01
N VAL A 3 60.96 -5.64 -9.10
CA VAL A 3 60.55 -6.44 -7.95
C VAL A 3 61.07 -5.74 -6.70
N PHE A 4 60.41 -5.99 -5.57
CA PHE A 4 60.85 -5.39 -4.31
C PHE A 4 62.02 -6.20 -3.76
N PRO A 5 62.81 -5.59 -2.86
CA PRO A 5 63.97 -6.23 -2.22
C PRO A 5 64.18 -6.94 -0.88
N ARG A 6 63.30 -7.85 -0.42
CA ARG A 6 62.62 -8.15 0.90
C ARG A 6 62.53 -9.37 1.88
N THR A 7 62.10 -10.54 1.38
CA THR A 7 60.75 -11.05 1.19
C THR A 7 60.28 -11.46 -0.20
N LEU A 8 61.17 -11.65 -1.15
CA LEU A 8 60.87 -11.73 -2.58
C LEU A 8 59.65 -12.58 -3.01
N LYS A 9 59.62 -13.85 -2.64
CA LYS A 9 58.51 -14.71 -3.08
C LYS A 9 58.00 -15.70 -2.04
N TRP A 10 56.87 -16.31 -2.37
CA TRP A 10 56.23 -17.29 -1.50
C TRP A 10 56.98 -18.61 -1.55
N SER A 11 57.27 -19.18 -0.38
CA SER A 11 58.02 -20.42 -0.33
C SER A 11 57.16 -21.62 -0.74
N LYS A 12 55.89 -21.38 -1.09
CA LYS A 12 55.02 -22.47 -1.48
C LYS A 12 54.39 -22.19 -2.83
N MET A 13 54.15 -23.25 -3.61
CA MET A 13 53.54 -23.08 -4.92
C MET A 13 52.02 -22.90 -4.90
N ASN A 14 51.32 -23.67 -4.08
CA ASN A 14 49.88 -23.52 -4.04
C ASN A 14 49.48 -22.60 -2.89
N LEU A 15 49.00 -21.42 -3.24
CA LEU A 15 48.59 -20.45 -2.23
C LEU A 15 47.08 -20.46 -2.05
N THR A 16 46.62 -19.79 -1.00
CA THR A 16 45.19 -19.69 -0.71
C THR A 16 44.75 -18.23 -0.65
N TYR A 17 43.50 -17.97 -0.99
CA TYR A 17 42.97 -16.64 -0.92
C TYR A 17 41.55 -16.71 -0.41
N ARG A 18 41.05 -15.60 0.11
CA ARG A 18 39.71 -15.57 0.63
C ARG A 18 39.06 -14.22 0.32
N ILE A 19 37.78 -14.25 0.02
CA ILE A 19 37.09 -13.00 -0.25
C ILE A 19 36.29 -12.63 1.02
N VAL A 20 36.91 -11.81 1.88
CA VAL A 20 36.27 -11.41 3.12
C VAL A 20 34.89 -10.79 2.93
N ASN A 21 34.76 -9.79 2.06
CA ASN A 21 33.46 -9.16 1.83
C ASN A 21 33.32 -8.74 0.37
N TYR A 22 32.14 -8.25 -0.02
CA TYR A 22 31.89 -7.86 -1.42
C TYR A 22 31.43 -6.45 -1.65
N THR A 23 31.62 -5.98 -2.89
CA THR A 23 31.19 -4.65 -3.33
C THR A 23 29.71 -4.66 -3.75
N PRO A 24 29.02 -3.52 -3.58
CA PRO A 24 27.62 -3.36 -3.93
C PRO A 24 27.32 -3.45 -5.42
N ASP A 25 28.17 -2.80 -6.21
CA ASP A 25 28.01 -2.73 -7.66
C ASP A 25 28.10 -3.99 -8.53
N MET A 26 28.56 -5.11 -7.97
CA MET A 26 28.68 -6.37 -8.72
C MET A 26 28.08 -7.54 -7.93
N THR A 27 27.53 -8.55 -8.61
CA THR A 27 26.97 -9.71 -7.92
C THR A 27 28.12 -10.55 -7.41
N HIS A 28 27.87 -11.35 -6.38
CA HIS A 28 28.88 -12.21 -5.80
C HIS A 28 29.60 -12.99 -6.90
N SER A 29 28.82 -13.49 -7.86
CA SER A 29 29.37 -14.24 -8.98
C SER A 29 30.30 -13.40 -9.83
N GLU A 30 29.89 -12.19 -10.17
CA GLU A 30 30.73 -11.32 -10.99
C GLU A 30 32.11 -11.13 -10.35
N VAL A 31 32.08 -10.71 -9.09
CA VAL A 31 33.29 -10.49 -8.30
C VAL A 31 34.17 -11.74 -8.23
N GLU A 32 33.58 -12.87 -7.87
CA GLU A 32 34.31 -14.13 -7.77
C GLU A 32 35.01 -14.47 -9.09
N LYS A 33 34.31 -14.23 -10.20
CA LYS A 33 34.87 -14.49 -11.52
C LYS A 33 36.04 -13.57 -11.83
N ALA A 34 35.90 -12.30 -11.46
CA ALA A 34 36.96 -11.33 -11.68
C ALA A 34 38.23 -11.78 -10.95
N PHE A 35 38.12 -12.07 -9.66
CA PHE A 35 39.26 -12.51 -8.87
C PHE A 35 39.83 -13.83 -9.37
N LYS A 36 38.94 -14.74 -9.73
CA LYS A 36 39.34 -16.05 -10.23
C LYS A 36 40.11 -15.83 -11.53
N LYS A 37 39.61 -14.93 -12.38
CA LYS A 37 40.26 -14.63 -13.65
C LYS A 37 41.55 -13.84 -13.43
N ALA A 38 41.58 -13.04 -12.37
CA ALA A 38 42.76 -12.25 -12.03
C ALA A 38 43.94 -13.16 -11.65
N PHE A 39 43.65 -14.24 -10.93
CA PHE A 39 44.69 -15.19 -10.52
C PHE A 39 45.09 -16.10 -11.69
N LYS A 40 44.09 -16.44 -12.51
CA LYS A 40 44.29 -17.32 -13.67
C LYS A 40 45.38 -16.74 -14.58
N VAL A 41 45.48 -15.42 -14.59
CA VAL A 41 46.47 -14.68 -15.36
C VAL A 41 47.87 -15.08 -14.97
N TRP A 42 48.15 -14.99 -13.67
CA TRP A 42 49.46 -15.31 -13.15
C TRP A 42 49.70 -16.82 -13.06
N SER A 43 48.65 -17.59 -12.82
CA SER A 43 48.82 -19.04 -12.73
C SER A 43 49.11 -19.70 -14.10
N ASP A 44 48.62 -19.12 -15.20
CA ASP A 44 48.84 -19.70 -16.53
C ASP A 44 50.29 -19.69 -17.01
N VAL A 45 51.07 -18.73 -16.50
CA VAL A 45 52.47 -18.59 -16.89
C VAL A 45 53.43 -18.96 -15.78
N THR A 46 52.91 -19.60 -14.74
CA THR A 46 53.74 -19.99 -13.61
C THR A 46 53.25 -21.28 -12.97
N PRO A 47 54.12 -21.94 -12.20
CA PRO A 47 53.72 -23.19 -11.56
C PRO A 47 52.82 -22.92 -10.33
N LEU A 48 52.44 -21.65 -10.14
CA LEU A 48 51.59 -21.28 -9.03
C LEU A 48 50.15 -21.73 -9.23
N ASN A 49 49.41 -21.77 -8.14
CA ASN A 49 48.01 -22.17 -8.14
C ASN A 49 47.31 -21.49 -6.96
N PHE A 50 46.04 -21.19 -7.13
CA PHE A 50 45.30 -20.50 -6.10
C PHE A 50 44.05 -21.22 -5.71
N THR A 51 43.88 -21.44 -4.41
CA THR A 51 42.70 -22.10 -3.91
C THR A 51 41.89 -21.09 -3.10
N ARG A 52 40.58 -21.09 -3.32
CA ARG A 52 39.67 -20.20 -2.61
C ARG A 52 39.05 -20.90 -1.40
N LEU A 53 39.18 -20.27 -0.24
CA LEU A 53 38.62 -20.78 1.00
C LEU A 53 37.45 -19.87 1.32
N HIS A 54 36.42 -20.40 1.96
CA HIS A 54 35.25 -19.59 2.29
C HIS A 54 35.45 -18.76 3.57
N ASP A 55 36.22 -19.31 4.52
CA ASP A 55 36.50 -18.65 5.78
C ASP A 55 37.86 -19.03 6.36
N GLY A 56 38.19 -18.46 7.53
CA GLY A 56 39.48 -18.76 8.17
C GLY A 56 40.56 -17.88 7.51
N ILE A 57 41.83 -18.14 7.77
CA ILE A 57 42.91 -17.36 7.17
C ILE A 57 43.35 -17.92 5.82
N ALA A 58 43.67 -17.03 4.88
CA ALA A 58 44.15 -17.44 3.55
C ALA A 58 45.41 -16.61 3.33
N ASP A 59 46.31 -17.08 2.46
CA ASP A 59 47.53 -16.31 2.22
C ASP A 59 47.17 -14.93 1.71
N ILE A 60 46.22 -14.87 0.76
CA ILE A 60 45.81 -13.59 0.20
C ILE A 60 44.38 -13.24 0.61
N MET A 61 44.26 -12.43 1.67
CA MET A 61 42.97 -12.00 2.17
C MET A 61 42.46 -10.83 1.33
N ILE A 62 41.40 -11.04 0.57
CA ILE A 62 40.85 -9.98 -0.25
C ILE A 62 39.67 -9.30 0.42
N SER A 63 39.60 -7.97 0.32
CA SER A 63 38.51 -7.21 0.93
C SER A 63 38.26 -5.86 0.29
N PHE A 64 37.05 -5.35 0.46
CA PHE A 64 36.66 -4.05 -0.08
C PHE A 64 36.47 -3.14 1.11
N GLY A 65 37.10 -1.98 1.08
CA GLY A 65 36.95 -1.04 2.17
C GLY A 65 37.07 0.39 1.70
N ILE A 66 36.66 1.33 2.54
CA ILE A 66 36.75 2.74 2.21
C ILE A 66 37.43 3.48 3.34
N LYS A 67 38.18 4.53 2.98
CA LYS A 67 38.89 5.33 3.96
C LYS A 67 39.76 4.44 4.88
N GLU A 68 39.81 4.76 6.18
CA GLU A 68 40.60 3.98 7.12
C GLU A 68 39.92 2.64 7.30
N HIS A 69 40.65 1.55 7.14
CA HIS A 69 40.02 0.24 7.25
C HIS A 69 40.90 -0.81 7.92
N GLY A 70 41.78 -0.36 8.81
CA GLY A 70 42.61 -1.30 9.55
C GLY A 70 44.08 -1.52 9.26
N ASP A 71 44.74 -0.59 8.56
CA ASP A 71 46.17 -0.73 8.30
C ASP A 71 46.87 0.62 8.20
N PHE A 72 46.12 1.67 8.52
CA PHE A 72 46.63 3.04 8.49
C PHE A 72 47.14 3.48 7.12
N TYR A 73 46.47 3.00 6.06
CA TYR A 73 46.78 3.34 4.69
C TYR A 73 45.40 3.58 4.06
N PRO A 74 44.67 4.59 4.57
CA PRO A 74 43.32 5.01 4.17
C PRO A 74 43.10 5.28 2.69
N PHE A 75 41.85 5.10 2.24
CA PHE A 75 41.51 5.39 0.86
C PHE A 75 41.03 6.83 0.83
N ASP A 76 41.10 7.42 -0.36
CA ASP A 76 40.75 8.80 -0.57
C ASP A 76 39.40 9.04 -1.23
N GLY A 77 38.44 8.14 -1.05
CA GLY A 77 37.14 8.33 -1.68
C GLY A 77 37.17 7.99 -3.17
N PRO A 78 36.18 8.45 -3.96
CA PRO A 78 36.15 8.16 -5.40
C PRO A 78 37.43 8.59 -6.12
N SER A 79 37.89 7.73 -7.02
CA SER A 79 39.10 7.98 -7.79
C SER A 79 40.33 8.17 -6.90
N GLY A 80 41.43 8.59 -7.49
CA GLY A 80 42.63 8.73 -6.71
C GLY A 80 43.10 7.30 -6.56
N LEU A 81 43.39 6.90 -5.33
CA LEU A 81 43.83 5.55 -5.06
C LEU A 81 42.67 4.58 -5.34
N LEU A 82 42.97 3.50 -6.06
CA LEU A 82 41.95 2.50 -6.39
C LEU A 82 42.03 1.26 -5.49
N ALA A 83 43.25 0.81 -5.22
CA ALA A 83 43.44 -0.38 -4.41
C ALA A 83 44.92 -0.63 -4.20
N HIS A 84 45.24 -1.33 -3.11
CA HIS A 84 46.64 -1.65 -2.77
C HIS A 84 46.79 -3.06 -2.17
N ALA A 85 47.90 -3.71 -2.50
CA ALA A 85 48.17 -5.04 -2.00
C ALA A 85 49.55 -5.03 -1.40
N PHE A 86 49.80 -5.95 -0.47
CA PHE A 86 51.11 -6.02 0.18
C PHE A 86 51.93 -7.17 -0.39
N PRO A 87 53.26 -6.97 -0.53
CA PRO A 87 54.11 -8.03 -1.07
C PRO A 87 54.11 -9.28 -0.20
N PRO A 88 54.57 -10.42 -0.76
CA PRO A 88 54.61 -11.71 -0.05
C PRO A 88 55.09 -11.59 1.40
N GLY A 89 54.53 -12.42 2.27
CA GLY A 89 54.89 -12.38 3.68
C GLY A 89 53.71 -12.82 4.51
N PRO A 90 53.91 -13.14 5.80
CA PRO A 90 52.82 -13.58 6.67
C PRO A 90 51.84 -12.48 7.02
N ASN A 91 50.69 -12.87 7.54
CA ASN A 91 49.65 -11.92 7.94
C ASN A 91 49.24 -11.02 6.78
N TYR A 92 49.39 -9.71 6.96
CA TYR A 92 49.03 -8.74 5.93
C TYR A 92 49.71 -8.99 4.59
N GLY A 93 50.84 -9.68 4.62
CA GLY A 93 51.55 -9.97 3.39
C GLY A 93 50.60 -10.62 2.41
N GLY A 94 50.70 -10.25 1.14
CA GLY A 94 49.83 -10.82 0.13
C GLY A 94 48.45 -10.19 0.01
N ASP A 95 47.85 -9.84 1.13
CA ASP A 95 46.52 -9.25 1.14
C ASP A 95 46.32 -8.08 0.17
N ALA A 96 45.11 -7.99 -0.36
CA ALA A 96 44.73 -6.96 -1.33
C ALA A 96 43.48 -6.24 -0.88
N HIS A 97 43.49 -4.92 -0.97
CA HIS A 97 42.35 -4.10 -0.56
C HIS A 97 41.87 -3.23 -1.69
N PHE A 98 40.57 -3.22 -1.93
CA PHE A 98 39.98 -2.42 -3.01
C PHE A 98 39.08 -1.31 -2.45
N ASP A 99 39.33 -0.08 -2.88
CA ASP A 99 38.54 1.07 -2.41
C ASP A 99 37.09 0.85 -2.79
N ASP A 100 36.23 0.66 -1.81
CA ASP A 100 34.84 0.43 -2.12
C ASP A 100 34.16 1.74 -2.48
N ASP A 101 34.95 2.81 -2.57
CA ASP A 101 34.42 4.11 -2.95
C ASP A 101 34.41 4.28 -4.47
N GLU A 102 35.16 3.43 -5.17
CA GLU A 102 35.22 3.45 -6.62
C GLU A 102 34.05 2.58 -7.12
N THR A 103 33.75 2.66 -8.41
CA THR A 103 32.65 1.86 -8.98
C THR A 103 33.20 0.60 -9.69
N TRP A 104 33.08 -0.56 -9.06
CA TRP A 104 33.61 -1.77 -9.66
C TRP A 104 32.70 -2.45 -10.68
N THR A 105 33.28 -2.79 -11.82
CA THR A 105 32.50 -3.42 -12.88
C THR A 105 33.18 -4.57 -13.58
N SER A 106 32.51 -5.07 -14.61
CA SER A 106 32.99 -6.13 -15.48
C SER A 106 33.12 -5.59 -16.85
N SER A 107 32.88 -4.32 -16.97
CA SER A 107 32.98 -3.64 -18.25
C SER A 107 34.04 -2.55 -18.23
N SER A 108 33.73 -1.44 -18.91
CA SER A 108 34.63 -0.29 -19.00
C SER A 108 34.21 0.86 -18.10
N LYS A 109 32.95 0.92 -17.68
CA LYS A 109 32.53 2.03 -16.84
C LYS A 109 33.11 1.87 -15.45
N GLY A 110 33.47 2.98 -14.82
CA GLY A 110 34.06 2.90 -13.50
C GLY A 110 35.44 2.26 -13.67
N TYR A 111 35.79 1.33 -12.77
CA TYR A 111 37.07 0.63 -12.85
C TYR A 111 36.83 -0.87 -12.95
N ASN A 112 37.49 -1.49 -13.92
CA ASN A 112 37.36 -2.92 -14.14
C ASN A 112 38.09 -3.74 -13.07
N LEU A 113 37.30 -4.32 -12.15
CA LEU A 113 37.80 -5.15 -11.05
C LEU A 113 38.90 -6.12 -11.48
N PHE A 114 38.59 -6.95 -12.46
CA PHE A 114 39.52 -7.93 -12.98
C PHE A 114 40.89 -7.34 -13.30
N LEU A 115 40.90 -6.25 -14.07
CA LEU A 115 42.16 -5.62 -14.44
C LEU A 115 42.90 -5.13 -13.21
N VAL A 116 42.23 -4.32 -12.39
CA VAL A 116 42.87 -3.82 -11.17
C VAL A 116 43.34 -5.02 -10.33
N ALA A 117 42.43 -5.94 -10.05
CA ALA A 117 42.77 -7.10 -9.27
C ALA A 117 43.96 -7.86 -9.86
N ALA A 118 44.04 -7.92 -11.18
CA ALA A 118 45.15 -8.64 -11.83
C ALA A 118 46.47 -7.95 -11.48
N HIS A 119 46.41 -6.63 -11.46
CA HIS A 119 47.56 -5.81 -11.12
C HIS A 119 47.89 -6.11 -9.64
N GLU A 120 46.94 -5.82 -8.77
CA GLU A 120 47.11 -6.03 -7.34
C GLU A 120 47.65 -7.38 -6.91
N PHE A 121 47.23 -8.45 -7.57
CA PHE A 121 47.76 -9.76 -7.20
C PHE A 121 49.23 -9.85 -7.63
N GLY A 122 49.61 -9.03 -8.62
CA GLY A 122 50.99 -9.00 -9.09
C GLY A 122 51.83 -8.60 -7.89
N HIS A 123 51.33 -7.60 -7.17
CA HIS A 123 51.99 -7.14 -5.97
C HIS A 123 51.99 -8.30 -4.99
N SER A 124 50.80 -8.83 -4.72
CA SER A 124 50.62 -9.97 -3.81
C SER A 124 51.63 -11.08 -4.09
N LEU A 125 52.23 -11.05 -5.27
CA LEU A 125 53.19 -12.08 -5.65
C LEU A 125 54.66 -11.63 -5.65
N GLY A 126 54.90 -10.33 -5.48
CA GLY A 126 56.27 -9.86 -5.43
C GLY A 126 56.69 -8.82 -6.45
N LEU A 127 55.81 -8.48 -7.38
CA LEU A 127 56.15 -7.50 -8.40
C LEU A 127 55.84 -6.10 -7.97
N ASP A 128 56.78 -5.19 -8.27
CA ASP A 128 56.62 -3.77 -7.95
C ASP A 128 56.16 -3.15 -9.27
N HIS A 129 56.21 -1.84 -9.40
CA HIS A 129 55.76 -1.23 -10.64
C HIS A 129 56.77 -1.32 -11.77
N SER A 130 56.25 -1.65 -12.94
CA SER A 130 57.05 -1.77 -14.15
C SER A 130 57.06 -0.39 -14.82
N LYS A 131 58.19 -0.04 -15.41
CA LYS A 131 58.31 1.24 -16.08
C LYS A 131 57.77 1.16 -17.51
N ASP A 132 57.47 -0.05 -17.94
CA ASP A 132 56.95 -0.31 -19.27
C ASP A 132 55.45 0.02 -19.35
N PRO A 133 55.09 1.11 -20.04
CA PRO A 133 53.69 1.56 -20.21
C PRO A 133 52.77 0.53 -20.86
N GLY A 134 53.31 -0.66 -21.09
CA GLY A 134 52.53 -1.72 -21.68
C GLY A 134 52.35 -2.84 -20.68
N ALA A 135 53.04 -2.74 -19.55
CA ALA A 135 52.96 -3.76 -18.51
C ALA A 135 51.74 -3.65 -17.59
N LEU A 136 51.19 -4.80 -17.21
CA LEU A 136 50.03 -4.85 -16.32
C LEU A 136 50.41 -4.21 -14.99
N MET A 137 51.70 -4.21 -14.70
CA MET A 137 52.18 -3.64 -13.46
C MET A 137 52.70 -2.23 -13.57
N PHE A 138 52.18 -1.50 -14.57
CA PHE A 138 52.50 -0.11 -14.81
C PHE A 138 51.52 0.58 -13.82
N PRO A 139 51.96 1.65 -13.14
CA PRO A 139 51.16 2.40 -12.16
C PRO A 139 49.93 3.19 -12.62
N ILE A 140 49.67 3.17 -13.92
CA ILE A 140 48.51 3.88 -14.43
C ILE A 140 47.48 2.92 -14.99
N TYR A 141 46.24 3.07 -14.57
CA TYR A 141 45.17 2.22 -15.04
C TYR A 141 44.84 2.54 -16.49
N THR A 142 44.55 1.49 -17.25
CA THR A 142 44.21 1.62 -18.65
C THR A 142 43.37 0.40 -19.05
N TYR A 143 42.15 0.65 -19.50
CA TYR A 143 41.24 -0.41 -19.91
C TYR A 143 41.64 -1.09 -21.22
N THR A 144 41.49 -2.41 -21.28
CA THR A 144 41.82 -3.17 -22.49
C THR A 144 40.66 -4.08 -22.91
N HIS A 148 39.62 -12.07 -24.93
CA HIS A 148 40.70 -12.91 -24.41
C HIS A 148 41.86 -12.02 -23.95
N PHE A 149 42.14 -12.03 -22.64
CA PHE A 149 43.21 -11.19 -22.10
C PHE A 149 44.58 -11.85 -22.07
N MET A 150 45.52 -11.27 -22.84
CA MET A 150 46.87 -11.80 -22.88
C MET A 150 47.82 -10.97 -22.04
N LEU A 151 48.44 -11.61 -21.04
CA LEU A 151 49.38 -10.95 -20.13
C LEU A 151 50.64 -10.45 -20.86
N PRO A 152 50.91 -9.14 -20.82
CA PRO A 152 52.09 -8.57 -21.50
C PRO A 152 53.39 -9.31 -21.20
N ASP A 153 54.34 -9.22 -22.12
CA ASP A 153 55.63 -9.88 -21.95
C ASP A 153 56.39 -9.48 -20.70
N ASP A 154 56.61 -8.20 -20.48
CA ASP A 154 57.32 -7.78 -19.28
C ASP A 154 56.80 -8.48 -18.01
N ASP A 155 55.49 -8.51 -17.86
CA ASP A 155 54.87 -9.14 -16.70
C ASP A 155 55.19 -10.63 -16.64
N VAL A 156 55.22 -11.25 -17.82
CA VAL A 156 55.52 -12.67 -17.91
C VAL A 156 56.95 -12.90 -17.44
N GLN A 157 57.83 -11.97 -17.78
CA GLN A 157 59.24 -12.04 -17.41
C GLN A 157 59.35 -11.92 -15.90
N GLY A 158 58.57 -10.98 -15.36
CA GLY A 158 58.55 -10.69 -13.95
C GLY A 158 58.34 -11.87 -13.04
N ILE A 159 57.13 -12.42 -13.03
CA ILE A 159 56.85 -13.55 -12.15
C ILE A 159 57.71 -14.78 -12.41
N GLN A 160 58.00 -15.08 -13.68
CA GLN A 160 58.80 -16.26 -13.98
C GLN A 160 60.21 -16.14 -13.42
N SER A 161 60.69 -14.91 -13.26
CA SER A 161 62.04 -14.69 -12.72
C SER A 161 62.00 -15.00 -11.22
N LEU A 162 60.79 -15.11 -10.70
CA LEU A 162 60.58 -15.40 -9.29
C LEU A 162 60.15 -16.85 -9.08
N TYR A 163 59.20 -17.29 -9.88
CA TYR A 163 58.66 -18.64 -9.76
C TYR A 163 58.95 -19.57 -10.93
N GLY A 164 59.41 -19.02 -12.06
CA GLY A 164 59.71 -19.84 -13.21
C GLY A 164 58.48 -20.02 -14.11
N PRO A 165 58.60 -20.75 -15.22
CA PRO A 165 57.52 -20.99 -16.19
C PRO A 165 56.35 -21.87 -15.70
N TYR B 1 10.50 23.71 3.54
CA TYR B 1 11.47 24.09 2.47
C TYR B 1 12.56 24.99 3.04
N ASN B 2 13.59 25.25 2.22
CA ASN B 2 14.70 26.10 2.63
C ASN B 2 15.18 26.90 1.42
N VAL B 3 15.66 28.12 1.66
CA VAL B 3 16.16 28.94 0.56
C VAL B 3 17.58 29.34 0.89
N PHE B 4 18.16 30.17 0.03
CA PHE B 4 19.50 30.66 0.23
C PHE B 4 19.41 32.09 0.79
N PRO B 5 19.58 32.24 2.13
CA PRO B 5 19.51 33.51 2.85
C PRO B 5 20.49 34.58 2.37
N THR B 7 16.84 37.58 0.06
CA THR B 7 17.14 36.20 -0.35
C THR B 7 17.44 36.03 -1.87
N LEU B 8 18.34 35.10 -2.19
CA LEU B 8 18.76 34.79 -3.56
C LEU B 8 17.65 34.32 -4.48
N LYS B 9 17.14 35.22 -5.32
CA LYS B 9 16.09 34.88 -6.26
C LYS B 9 16.38 35.67 -7.54
N TRP B 10 15.67 35.35 -8.61
CA TRP B 10 15.84 36.06 -9.86
C TRP B 10 15.08 37.39 -9.75
N SER B 11 15.53 38.39 -10.50
CA SER B 11 14.93 39.72 -10.48
C SER B 11 13.83 39.88 -11.52
N LYS B 12 13.61 38.85 -12.32
CA LYS B 12 12.58 38.87 -13.36
C LYS B 12 11.73 37.61 -13.35
N MET B 13 10.63 37.60 -14.11
CA MET B 13 9.77 36.43 -14.16
C MET B 13 9.94 35.67 -15.48
N ASN B 14 10.66 36.26 -16.42
CA ASN B 14 10.93 35.63 -17.72
C ASN B 14 12.38 35.18 -17.79
N LEU B 15 12.59 33.86 -17.90
CA LEU B 15 13.93 33.30 -17.91
C LEU B 15 14.27 32.42 -19.12
N THR B 16 15.53 32.49 -19.54
CA THR B 16 15.98 31.72 -20.68
C THR B 16 16.88 30.56 -20.30
N TYR B 17 16.79 29.48 -21.07
CA TYR B 17 17.62 28.33 -20.83
C TYR B 17 18.10 27.70 -22.13
N ARG B 18 19.40 27.43 -22.17
CA ARG B 18 19.98 26.82 -23.33
C ARG B 18 20.50 25.44 -22.95
N ILE B 19 20.27 24.46 -23.81
CA ILE B 19 20.77 23.12 -23.60
C ILE B 19 22.09 23.13 -24.39
N VAL B 20 23.19 23.35 -23.70
CA VAL B 20 24.52 23.43 -24.33
C VAL B 20 24.98 22.23 -25.15
N ASN B 21 24.92 21.03 -24.58
CA ASN B 21 25.31 19.82 -25.30
C ASN B 21 24.44 18.69 -24.77
N TYR B 22 24.31 17.58 -25.50
CA TYR B 22 23.46 16.49 -25.03
C TYR B 22 24.17 15.23 -24.59
N THR B 23 23.45 14.41 -23.84
CA THR B 23 23.97 13.15 -23.34
C THR B 23 23.81 12.08 -24.42
N PRO B 24 24.65 11.05 -24.36
CA PRO B 24 24.62 9.93 -25.32
C PRO B 24 23.42 9.01 -25.14
N ASP B 25 23.09 8.79 -23.88
CA ASP B 25 22.02 7.88 -23.50
C ASP B 25 20.61 8.12 -24.11
N MET B 26 20.18 9.38 -24.21
CA MET B 26 18.85 9.68 -24.76
C MET B 26 18.91 10.50 -26.06
N THR B 27 17.79 10.57 -26.78
CA THR B 27 17.72 11.34 -28.02
C THR B 27 17.60 12.82 -27.67
N HIS B 28 17.74 13.70 -28.66
CA HIS B 28 17.64 15.12 -28.37
C HIS B 28 16.24 15.47 -27.90
N SER B 29 15.24 14.75 -28.42
CA SER B 29 13.84 15.00 -28.05
C SER B 29 13.58 14.58 -26.61
N GLU B 30 13.93 13.33 -26.31
CA GLU B 30 13.75 12.81 -24.96
C GLU B 30 14.34 13.84 -24.01
N VAL B 31 15.52 14.37 -24.35
CA VAL B 31 16.17 15.36 -23.49
C VAL B 31 15.40 16.68 -23.48
N GLU B 32 15.09 17.21 -24.65
CA GLU B 32 14.36 18.47 -24.74
C GLU B 32 13.03 18.41 -23.99
N LYS B 33 12.34 17.28 -24.08
CA LYS B 33 11.06 17.12 -23.39
C LYS B 33 11.23 16.99 -21.89
N ALA B 34 12.23 16.22 -21.47
CA ALA B 34 12.50 16.02 -20.06
C ALA B 34 12.71 17.36 -19.36
N PHE B 35 13.54 18.22 -19.94
CA PHE B 35 13.78 19.52 -19.32
C PHE B 35 12.54 20.40 -19.45
N LYS B 36 11.89 20.33 -20.61
CA LYS B 36 10.69 21.13 -20.83
C LYS B 36 9.69 20.83 -19.74
N LYS B 37 9.35 19.55 -19.60
CA LYS B 37 8.42 19.13 -18.57
C LYS B 37 8.96 19.61 -17.23
N ALA B 38 10.25 19.38 -17.02
CA ALA B 38 10.96 19.77 -15.80
C ALA B 38 10.73 21.21 -15.37
N PHE B 39 10.80 22.14 -16.31
CA PHE B 39 10.58 23.55 -16.00
C PHE B 39 9.12 23.83 -15.70
N LYS B 40 8.26 23.17 -16.46
CA LYS B 40 6.82 23.37 -16.32
C LYS B 40 6.38 23.13 -14.89
N VAL B 41 6.95 22.12 -14.25
CA VAL B 41 6.62 21.81 -12.87
C VAL B 41 6.73 23.07 -12.03
N TRP B 42 7.62 23.97 -12.42
CA TRP B 42 7.82 25.22 -11.68
C TRP B 42 6.92 26.39 -12.13
N SER B 43 6.70 26.49 -13.44
CA SER B 43 5.88 27.55 -14.02
C SER B 43 4.40 27.33 -13.68
N ASP B 44 3.99 26.06 -13.67
CA ASP B 44 2.61 25.71 -13.38
C ASP B 44 2.12 26.14 -11.99
N VAL B 45 3.01 26.72 -11.19
CA VAL B 45 2.60 27.16 -9.86
C VAL B 45 3.14 28.52 -9.49
N THR B 46 3.61 29.25 -10.50
CA THR B 46 4.14 30.59 -10.28
C THR B 46 3.91 31.39 -11.56
N PRO B 47 4.30 32.67 -11.57
CA PRO B 47 4.12 33.48 -12.77
C PRO B 47 5.41 33.35 -13.60
N LEU B 48 6.23 32.37 -13.26
CA LEU B 48 7.50 32.15 -13.96
C LEU B 48 7.30 31.57 -15.33
N ASN B 49 8.00 32.14 -16.31
CA ASN B 49 7.93 31.68 -17.69
C ASN B 49 9.33 31.32 -18.18
N PHE B 50 9.46 30.17 -18.85
CA PHE B 50 10.75 29.75 -19.37
C PHE B 50 10.76 29.60 -20.88
N THR B 51 11.73 30.26 -21.50
CA THR B 51 11.89 30.18 -22.94
C THR B 51 13.21 29.51 -23.24
N ARG B 52 13.16 28.51 -24.11
CA ARG B 52 14.36 27.80 -24.49
C ARG B 52 15.07 28.50 -25.65
N LEU B 53 16.36 28.79 -25.46
CA LEU B 53 17.18 29.43 -26.49
C LEU B 53 17.99 28.35 -27.23
N HIS B 54 18.19 28.53 -28.53
CA HIS B 54 18.96 27.55 -29.31
C HIS B 54 20.46 27.78 -29.18
N ASP B 55 20.86 28.99 -28.82
CA ASP B 55 22.28 29.31 -28.66
C ASP B 55 22.46 30.63 -27.95
N GLY B 56 23.70 31.09 -27.86
CA GLY B 56 23.99 32.33 -27.18
C GLY B 56 24.08 32.12 -25.67
N ILE B 57 23.93 33.20 -24.92
CA ILE B 57 24.02 33.10 -23.47
C ILE B 57 22.67 33.31 -22.78
N ALA B 58 22.25 32.29 -22.02
CA ALA B 58 20.99 32.31 -21.29
C ALA B 58 21.20 32.30 -19.78
N ASP B 59 20.13 32.60 -19.07
CA ASP B 59 20.14 32.62 -17.62
C ASP B 59 20.53 31.27 -17.07
N ILE B 60 19.82 30.25 -17.51
CA ILE B 60 20.07 28.90 -17.06
C ILE B 60 20.71 28.08 -18.18
N MET B 61 22.03 27.96 -18.09
CA MET B 61 22.84 27.21 -19.05
C MET B 61 22.95 25.77 -18.57
N ILE B 62 22.30 24.87 -19.29
CA ILE B 62 22.29 23.43 -18.97
C ILE B 62 23.30 22.69 -19.84
N SER B 63 24.15 21.89 -19.20
CA SER B 63 25.17 21.15 -19.94
C SER B 63 25.52 19.82 -19.31
N PHE B 64 26.08 18.92 -20.11
CA PHE B 64 26.47 17.60 -19.61
C PHE B 64 27.99 17.45 -19.64
N GLY B 65 28.59 17.22 -18.48
CA GLY B 65 30.03 17.03 -18.43
C GLY B 65 30.48 16.06 -17.37
N ILE B 66 31.74 15.67 -17.39
CA ILE B 66 32.28 14.74 -16.40
C ILE B 66 33.46 15.38 -15.70
N LYS B 67 33.83 14.83 -14.55
CA LYS B 67 34.98 15.33 -13.81
C LYS B 67 35.06 16.86 -13.79
N GLU B 68 36.24 17.39 -14.04
CA GLU B 68 36.46 18.84 -14.06
C GLU B 68 35.86 19.36 -15.35
N HIS B 69 34.94 20.29 -15.22
CA HIS B 69 34.26 20.82 -16.39
C HIS B 69 34.07 22.31 -16.37
N GLY B 70 34.87 23.04 -15.58
CA GLY B 70 34.74 24.49 -15.53
C GLY B 70 34.36 25.12 -14.19
N ASP B 71 34.65 24.44 -13.09
CA ASP B 71 34.35 25.01 -11.78
C ASP B 71 34.98 24.29 -10.61
N PHE B 72 34.57 24.71 -9.41
CA PHE B 72 35.09 24.15 -8.17
C PHE B 72 34.27 22.96 -7.72
N TYR B 73 33.47 22.41 -8.65
CA TYR B 73 32.63 21.27 -8.31
C TYR B 73 32.77 20.13 -9.31
N PRO B 74 33.99 19.59 -9.42
CA PRO B 74 34.23 18.49 -10.34
C PRO B 74 33.31 17.31 -10.03
N PHE B 75 33.02 16.47 -11.01
CA PHE B 75 32.17 15.34 -10.75
C PHE B 75 33.01 14.16 -10.30
N ASP B 76 32.35 13.10 -9.87
CA ASP B 76 33.00 11.92 -9.34
C ASP B 76 32.86 10.64 -10.19
N GLY B 77 32.22 10.76 -11.35
CA GLY B 77 32.02 9.60 -12.19
C GLY B 77 30.74 8.88 -11.81
N PRO B 78 30.58 7.60 -12.22
CA PRO B 78 29.36 6.85 -11.90
C PRO B 78 28.87 7.13 -10.48
N SER B 79 27.56 7.16 -10.31
CA SER B 79 26.94 7.40 -9.02
C SER B 79 27.43 8.66 -8.31
N GLY B 80 27.58 8.57 -6.99
CA GLY B 80 28.03 9.69 -6.20
C GLY B 80 27.20 10.91 -6.51
N LEU B 81 27.86 12.02 -6.78
CA LEU B 81 27.19 13.26 -7.14
C LEU B 81 26.54 12.98 -8.50
N LEU B 82 25.33 13.51 -8.72
CA LEU B 82 24.58 13.28 -9.95
C LEU B 82 24.53 14.50 -10.84
N ALA B 83 24.40 15.67 -10.20
CA ALA B 83 24.33 16.93 -10.90
C ALA B 83 24.22 18.02 -9.86
N HIS B 84 24.40 19.28 -10.26
CA HIS B 84 24.27 20.39 -9.33
C HIS B 84 23.84 21.62 -10.11
N ALA B 85 23.47 22.67 -9.38
CA ALA B 85 23.02 23.91 -9.99
C ALA B 85 23.39 25.08 -9.09
N PHE B 86 23.60 26.24 -9.70
CA PHE B 86 23.98 27.40 -8.94
C PHE B 86 22.76 28.25 -8.70
N PRO B 87 22.62 28.77 -7.48
CA PRO B 87 21.47 29.62 -7.16
C PRO B 87 21.45 30.85 -8.06
N PRO B 88 20.27 31.46 -8.27
CA PRO B 88 20.06 32.65 -9.09
C PRO B 88 21.21 33.63 -9.02
N GLY B 89 21.36 34.41 -10.09
CA GLY B 89 22.43 35.38 -10.13
C GLY B 89 23.14 35.31 -11.47
N PRO B 90 24.18 36.13 -11.67
CA PRO B 90 24.99 36.23 -12.89
C PRO B 90 25.86 35.07 -13.31
N ASN B 91 26.02 34.92 -14.62
CA ASN B 91 26.84 33.86 -15.18
C ASN B 91 26.43 32.52 -14.65
N TYR B 92 27.35 31.87 -13.95
CA TYR B 92 27.10 30.57 -13.38
C TYR B 92 25.77 30.50 -12.63
N GLY B 93 25.40 31.58 -11.95
CA GLY B 93 24.14 31.58 -11.24
C GLY B 93 22.99 31.08 -12.11
N GLY B 94 22.26 30.08 -11.61
CA GLY B 94 21.15 29.54 -12.36
C GLY B 94 21.50 28.37 -13.24
N ASP B 95 22.78 28.18 -13.54
CA ASP B 95 23.18 27.07 -14.41
C ASP B 95 23.00 25.69 -13.78
N ALA B 96 23.00 24.66 -14.61
CA ALA B 96 22.85 23.31 -14.12
C ALA B 96 23.80 22.41 -14.88
N HIS B 97 24.45 21.51 -14.14
CA HIS B 97 25.38 20.58 -14.73
C HIS B 97 25.00 19.17 -14.29
N PHE B 98 24.88 18.27 -15.25
CA PHE B 98 24.55 16.88 -14.96
C PHE B 98 25.75 16.01 -15.24
N ASP B 99 26.14 15.18 -14.27
CA ASP B 99 27.30 14.30 -14.45
C ASP B 99 26.96 13.40 -15.60
N ASP B 100 27.76 13.44 -16.66
CA ASP B 100 27.49 12.60 -17.81
C ASP B 100 28.10 11.21 -17.66
N ASP B 101 28.60 10.91 -16.47
CA ASP B 101 29.15 9.59 -16.17
C ASP B 101 27.96 8.82 -15.59
N GLU B 102 26.79 9.43 -15.68
CA GLU B 102 25.55 8.84 -15.19
C GLU B 102 24.71 8.32 -16.36
N THR B 103 23.80 7.40 -16.07
CA THR B 103 22.93 6.86 -17.11
C THR B 103 21.56 7.51 -16.99
N TRP B 104 21.35 8.57 -17.77
CA TRP B 104 20.08 9.31 -17.77
C TRP B 104 19.02 8.61 -18.61
N THR B 105 17.79 8.56 -18.11
CA THR B 105 16.73 7.89 -18.86
C THR B 105 15.34 8.48 -18.72
N SER B 106 14.50 8.09 -19.68
CA SER B 106 13.09 8.49 -19.75
C SER B 106 12.31 7.50 -18.89
N SER B 107 12.85 6.30 -18.83
CA SER B 107 12.30 5.19 -18.07
C SER B 107 12.56 5.41 -16.58
N SER B 108 12.50 4.32 -15.82
CA SER B 108 12.72 4.32 -14.38
C SER B 108 14.12 3.75 -14.10
N LYS B 109 14.65 3.03 -15.08
CA LYS B 109 15.96 2.39 -14.98
C LYS B 109 17.09 3.42 -15.08
N GLY B 110 17.94 3.50 -14.06
CA GLY B 110 19.03 4.47 -14.07
C GLY B 110 18.55 5.72 -13.38
N TYR B 111 19.09 6.89 -13.76
CA TYR B 111 18.63 8.13 -13.15
C TYR B 111 17.74 8.88 -14.15
N ASN B 112 16.56 9.25 -13.67
CA ASN B 112 15.57 9.92 -14.48
C ASN B 112 15.84 11.40 -14.71
N LEU B 113 16.09 11.75 -15.98
CA LEU B 113 16.41 13.12 -16.33
C LEU B 113 15.34 14.12 -15.92
N PHE B 114 14.08 13.85 -16.24
CA PHE B 114 13.00 14.76 -15.86
C PHE B 114 13.07 15.08 -14.36
N LEU B 115 13.05 14.04 -13.53
CA LEU B 115 13.10 14.17 -12.07
C LEU B 115 14.31 14.94 -11.53
N VAL B 116 15.51 14.51 -11.91
CA VAL B 116 16.73 15.17 -11.44
C VAL B 116 16.73 16.65 -11.84
N ALA B 117 16.36 16.92 -13.09
CA ALA B 117 16.30 18.28 -13.62
C ALA B 117 15.26 19.13 -12.89
N ALA B 118 14.09 18.56 -12.62
CA ALA B 118 13.06 19.29 -11.89
C ALA B 118 13.66 19.78 -10.57
N HIS B 119 14.39 18.88 -9.91
CA HIS B 119 15.05 19.17 -8.64
C HIS B 119 16.11 20.24 -8.84
N GLU B 120 16.97 20.04 -9.84
CA GLU B 120 18.02 21.00 -10.11
C GLU B 120 17.50 22.41 -10.36
N PHE B 121 16.40 22.52 -11.10
CA PHE B 121 15.83 23.81 -11.39
C PHE B 121 15.25 24.50 -10.13
N GLY B 122 15.05 23.73 -9.08
CA GLY B 122 14.59 24.34 -7.84
C GLY B 122 15.80 25.18 -7.42
N HIS B 123 16.98 24.58 -7.57
CA HIS B 123 18.22 25.26 -7.22
C HIS B 123 18.42 26.44 -8.15
N SER B 124 18.30 26.18 -9.45
CA SER B 124 18.47 27.23 -10.46
C SER B 124 17.61 28.42 -10.09
N LEU B 125 16.46 28.13 -9.49
CA LEU B 125 15.50 29.16 -9.12
C LEU B 125 15.70 29.82 -7.74
N GLY B 126 16.33 29.11 -6.81
CA GLY B 126 16.55 29.69 -5.51
C GLY B 126 16.06 28.87 -4.35
N LEU B 127 15.75 27.59 -4.60
CA LEU B 127 15.31 26.68 -3.53
C LEU B 127 16.42 25.71 -3.14
N ASP B 128 16.76 25.70 -1.86
CA ASP B 128 17.78 24.80 -1.33
C ASP B 128 17.05 23.52 -0.90
N HIS B 129 17.80 22.51 -0.49
CA HIS B 129 17.21 21.25 -0.08
C HIS B 129 16.21 21.39 1.05
N SER B 130 15.25 20.49 1.04
CA SER B 130 14.16 20.44 2.00
C SER B 130 14.45 19.38 3.06
N LYS B 131 13.59 19.32 4.07
CA LYS B 131 13.73 18.33 5.10
C LYS B 131 12.58 17.35 4.97
N ASP B 132 11.56 17.75 4.23
CA ASP B 132 10.41 16.89 3.99
C ASP B 132 10.89 15.83 3.01
N PRO B 133 10.91 14.55 3.43
CA PRO B 133 11.35 13.48 2.53
C PRO B 133 10.35 13.17 1.42
N GLY B 134 9.26 13.94 1.38
CA GLY B 134 8.24 13.75 0.37
C GLY B 134 8.38 14.81 -0.72
N ALA B 135 9.10 15.88 -0.38
CA ALA B 135 9.34 16.99 -1.31
C ALA B 135 10.32 16.55 -2.38
N LEU B 136 10.30 17.27 -3.49
CA LEU B 136 11.17 17.02 -4.63
C LEU B 136 12.57 17.54 -4.30
N MET B 137 12.60 18.68 -3.62
CA MET B 137 13.84 19.32 -3.23
C MET B 137 14.57 18.58 -2.13
N PHE B 138 14.11 17.37 -1.84
CA PHE B 138 14.76 16.55 -0.83
C PHE B 138 16.09 16.15 -1.49
N PRO B 139 17.19 16.22 -0.74
CA PRO B 139 18.55 15.89 -1.20
C PRO B 139 18.87 14.47 -1.67
N ILE B 140 17.89 13.58 -1.66
CA ILE B 140 18.13 12.22 -2.08
C ILE B 140 17.15 11.83 -3.16
N TYR B 141 17.66 11.20 -4.20
CA TYR B 141 16.82 10.78 -5.32
C TYR B 141 15.99 9.55 -4.99
N THR B 142 14.79 9.54 -5.53
CA THR B 142 13.83 8.46 -5.37
C THR B 142 12.88 8.59 -6.55
N TYR B 143 12.72 7.52 -7.32
CA TYR B 143 11.85 7.55 -8.48
C TYR B 143 10.35 7.44 -8.13
N THR B 144 9.53 8.08 -8.95
CA THR B 144 8.08 8.07 -8.81
C THR B 144 7.51 7.61 -10.17
N GLY B 145 6.63 6.61 -10.16
CA GLY B 145 6.07 6.10 -11.40
C GLY B 145 4.98 6.88 -12.12
N LYS B 146 4.07 7.49 -11.36
CA LYS B 146 2.95 8.26 -11.91
C LYS B 146 3.32 9.33 -12.93
N SER B 147 3.21 8.97 -14.20
CA SER B 147 3.51 9.87 -15.32
C SER B 147 3.06 11.30 -15.01
N HIS B 148 1.83 11.43 -14.51
CA HIS B 148 1.29 12.73 -14.12
C HIS B 148 1.96 13.09 -12.78
N PHE B 149 3.01 13.92 -12.84
CA PHE B 149 3.76 14.33 -11.65
C PHE B 149 3.11 15.46 -10.85
N MET B 150 2.82 15.19 -9.57
CA MET B 150 2.22 16.17 -8.68
C MET B 150 3.33 16.79 -7.82
N LEU B 151 3.66 18.05 -8.06
CA LEU B 151 4.71 18.68 -7.28
C LEU B 151 4.32 18.76 -5.81
N PRO B 152 5.19 18.23 -4.91
CA PRO B 152 4.94 18.24 -3.47
C PRO B 152 4.43 19.58 -2.94
N ASP B 153 3.60 19.54 -1.92
CA ASP B 153 3.09 20.77 -1.35
C ASP B 153 4.21 21.59 -0.75
N ASP B 154 5.24 20.92 -0.23
CA ASP B 154 6.36 21.66 0.37
C ASP B 154 7.02 22.48 -0.70
N ASP B 155 7.26 21.84 -1.85
CA ASP B 155 7.88 22.53 -2.95
C ASP B 155 7.05 23.72 -3.40
N VAL B 156 5.73 23.55 -3.48
CA VAL B 156 4.87 24.63 -3.92
C VAL B 156 4.92 25.83 -2.98
N GLN B 157 4.97 25.58 -1.68
CA GLN B 157 5.05 26.67 -0.72
C GLN B 157 6.47 27.21 -0.81
N GLY B 158 7.35 26.37 -1.35
CA GLY B 158 8.73 26.77 -1.50
C GLY B 158 8.85 27.92 -2.49
N ILE B 159 8.73 27.63 -3.79
CA ILE B 159 8.85 28.70 -4.78
C ILE B 159 7.88 29.84 -4.63
N GLN B 160 6.67 29.56 -4.16
CA GLN B 160 5.71 30.65 -4.03
C GLN B 160 6.13 31.70 -3.02
N SER B 161 6.94 31.31 -2.04
CA SER B 161 7.40 32.28 -1.04
C SER B 161 8.43 33.17 -1.73
N LEU B 162 9.03 32.62 -2.77
CA LEU B 162 10.06 33.31 -3.52
C LEU B 162 9.46 34.19 -4.61
N TYR B 163 8.57 33.62 -5.42
CA TYR B 163 7.98 34.33 -6.54
C TYR B 163 6.52 34.70 -6.38
N GLY B 164 5.75 33.81 -5.77
CA GLY B 164 4.34 34.07 -5.57
C GLY B 164 3.53 33.11 -6.42
N PRO B 165 2.22 32.98 -6.16
CA PRO B 165 1.35 32.07 -6.93
C PRO B 165 0.98 32.62 -8.30
N TYR C 1 -59.91 -17.63 11.11
CA TYR C 1 -58.67 -18.37 11.49
C TYR C 1 -58.31 -19.45 10.46
N ASN C 2 -57.23 -20.18 10.75
CA ASN C 2 -56.77 -21.26 9.87
C ASN C 2 -55.94 -22.23 10.68
N VAL C 3 -55.99 -23.50 10.29
CA VAL C 3 -55.24 -24.55 10.98
C VAL C 3 -54.50 -25.39 9.95
N PHE C 4 -53.49 -26.11 10.40
CA PHE C 4 -52.70 -26.93 9.50
C PHE C 4 -53.44 -28.18 8.99
N THR C 7 -56.02 -32.39 10.87
CA THR C 7 -55.86 -31.36 11.89
C THR C 7 -54.67 -31.57 12.84
N LEU C 8 -53.67 -30.71 12.72
CA LEU C 8 -52.49 -30.75 13.60
C LEU C 8 -52.80 -30.10 14.95
N LYS C 9 -52.86 -30.92 16.00
CA LYS C 9 -53.15 -30.46 17.35
C LYS C 9 -52.47 -31.38 18.35
N TRP C 10 -52.21 -30.90 19.56
CA TRP C 10 -51.57 -31.72 20.56
C TRP C 10 -52.45 -32.89 21.02
N SER C 11 -51.81 -34.04 21.24
CA SER C 11 -52.50 -35.23 21.67
C SER C 11 -52.98 -35.16 23.10
N LYS C 12 -52.34 -34.31 23.91
CA LYS C 12 -52.68 -34.17 25.33
C LYS C 12 -53.08 -32.74 25.71
N MET C 13 -53.73 -32.58 26.87
CA MET C 13 -54.14 -31.24 27.32
C MET C 13 -53.10 -30.63 28.25
N ASN C 14 -52.09 -31.42 28.65
CA ASN C 14 -51.03 -30.93 29.55
C ASN C 14 -49.75 -30.81 28.75
N LEU C 15 -49.27 -29.58 28.64
CA LEU C 15 -48.08 -29.32 27.85
C LEU C 15 -47.00 -28.62 28.65
N THR C 16 -45.76 -28.99 28.39
CA THR C 16 -44.66 -28.36 29.09
C THR C 16 -43.88 -27.45 28.15
N TYR C 17 -43.28 -26.43 28.72
CA TYR C 17 -42.48 -25.51 27.94
C TYR C 17 -41.25 -25.14 28.74
N ARG C 18 -40.12 -24.96 28.06
CA ARG C 18 -38.88 -24.60 28.73
C ARG C 18 -38.28 -23.37 28.07
N ILE C 19 -37.72 -22.49 28.89
CA ILE C 19 -37.07 -21.29 28.39
C ILE C 19 -35.57 -21.64 28.33
N VAL C 20 -35.12 -22.22 27.22
CA VAL C 20 -33.72 -22.61 27.07
C VAL C 20 -32.65 -21.55 27.40
N ASN C 21 -32.83 -20.33 26.90
CA ASN C 21 -31.89 -19.24 27.15
C ASN C 21 -32.68 -17.95 27.29
N TYR C 22 -32.00 -16.82 27.47
CA TYR C 22 -32.68 -15.52 27.61
C TYR C 22 -32.13 -14.44 26.68
N THR C 23 -32.99 -13.51 26.31
CA THR C 23 -32.60 -12.39 25.48
C THR C 23 -31.83 -11.41 26.35
N PRO C 24 -30.95 -10.61 25.74
CA PRO C 24 -30.19 -9.66 26.56
C PRO C 24 -31.01 -8.47 27.06
N ASP C 25 -31.89 -7.97 26.21
CA ASP C 25 -32.70 -6.78 26.52
C ASP C 25 -33.73 -6.81 27.65
N MET C 26 -33.97 -7.97 28.23
CA MET C 26 -34.94 -8.08 29.32
C MET C 26 -34.44 -8.95 30.46
N THR C 27 -34.88 -8.64 31.68
CA THR C 27 -34.49 -9.39 32.88
C THR C 27 -35.29 -10.69 32.92
N HIS C 28 -34.66 -11.76 33.37
CA HIS C 28 -35.32 -13.05 33.47
C HIS C 28 -36.80 -12.90 33.83
N SER C 29 -37.08 -12.15 34.91
CA SER C 29 -38.44 -11.89 35.38
C SER C 29 -39.34 -11.36 34.27
N GLU C 30 -38.88 -10.28 33.63
CA GLU C 30 -39.64 -9.68 32.54
C GLU C 30 -39.99 -10.74 31.50
N VAL C 31 -38.98 -11.50 31.11
CA VAL C 31 -39.12 -12.57 30.12
C VAL C 31 -40.07 -13.67 30.60
N GLU C 32 -39.82 -14.17 31.81
CA GLU C 32 -40.64 -15.23 32.36
C GLU C 32 -42.10 -14.80 32.39
N LYS C 33 -42.39 -13.68 33.03
CA LYS C 33 -43.76 -13.21 33.10
C LYS C 33 -44.37 -13.04 31.72
N ALA C 34 -43.57 -12.53 30.77
CA ALA C 34 -44.02 -12.32 29.40
C ALA C 34 -44.55 -13.59 28.74
N PHE C 35 -43.84 -14.71 28.88
CA PHE C 35 -44.28 -15.96 28.28
C PHE C 35 -45.41 -16.58 29.08
N LYS C 36 -45.37 -16.39 30.40
CA LYS C 36 -46.39 -16.92 31.30
C LYS C 36 -47.71 -16.28 30.90
N LYS C 37 -47.64 -14.97 30.70
CA LYS C 37 -48.79 -14.15 30.29
C LYS C 37 -49.21 -14.68 28.92
N ALA C 38 -48.21 -14.95 28.06
CA ALA C 38 -48.45 -15.44 26.71
C ALA C 38 -49.28 -16.74 26.63
N PHE C 39 -48.93 -17.76 27.42
CA PHE C 39 -49.68 -19.02 27.41
C PHE C 39 -51.08 -18.87 28.03
N LYS C 40 -51.19 -18.01 29.04
CA LYS C 40 -52.46 -17.76 29.72
C LYS C 40 -53.53 -17.37 28.72
N VAL C 41 -53.14 -16.51 27.79
CA VAL C 41 -54.05 -16.07 26.74
C VAL C 41 -54.82 -17.26 26.17
N TRP C 42 -54.13 -18.38 25.94
CA TRP C 42 -54.78 -19.57 25.38
C TRP C 42 -55.46 -20.51 26.37
N SER C 43 -54.81 -20.79 27.49
CA SER C 43 -55.39 -21.69 28.48
C SER C 43 -56.69 -21.13 29.01
N ASP C 44 -56.86 -19.82 28.91
CA ASP C 44 -58.09 -19.19 29.39
C ASP C 44 -59.30 -19.62 28.56
N VAL C 45 -59.05 -19.93 27.29
CA VAL C 45 -60.11 -20.34 26.40
C VAL C 45 -60.13 -21.82 26.04
N THR C 46 -59.40 -22.65 26.78
CA THR C 46 -59.36 -24.07 26.46
C THR C 46 -59.00 -24.94 27.68
N PRO C 47 -59.07 -26.27 27.52
CA PRO C 47 -58.72 -27.14 28.64
C PRO C 47 -57.19 -27.26 28.68
N LEU C 48 -56.53 -26.43 27.86
CA LEU C 48 -55.08 -26.43 27.77
C LEU C 48 -54.41 -25.90 29.03
N ASN C 49 -53.52 -26.71 29.58
CA ASN C 49 -52.76 -26.42 30.79
C ASN C 49 -51.26 -26.49 30.47
N PHE C 50 -50.53 -25.42 30.77
CA PHE C 50 -49.09 -25.35 30.52
C PHE C 50 -48.25 -25.32 31.80
N THR C 51 -47.09 -25.97 31.76
CA THR C 51 -46.22 -25.98 32.92
C THR C 51 -44.80 -25.67 32.50
N ARG C 52 -44.17 -24.72 33.19
CA ARG C 52 -42.80 -24.36 32.87
C ARG C 52 -41.79 -25.31 33.51
N LEU C 53 -40.84 -25.78 32.69
CA LEU C 53 -39.78 -26.68 33.15
C LEU C 53 -38.50 -25.87 33.19
N HIS C 54 -37.67 -26.14 34.21
CA HIS C 54 -36.40 -25.44 34.33
C HIS C 54 -35.38 -26.06 33.38
N ASP C 55 -35.30 -27.39 33.38
CA ASP C 55 -34.36 -28.07 32.51
C ASP C 55 -35.00 -29.22 31.73
N GLY C 56 -34.19 -29.99 31.01
CA GLY C 56 -34.69 -31.12 30.26
C GLY C 56 -35.44 -30.87 28.98
N ILE C 57 -36.18 -31.89 28.57
CA ILE C 57 -36.97 -31.83 27.34
C ILE C 57 -38.44 -31.50 27.59
N ALA C 58 -38.87 -30.34 27.11
CA ALA C 58 -40.26 -29.92 27.24
C ALA C 58 -40.86 -29.97 25.83
N ASP C 59 -42.17 -29.88 25.72
CA ASP C 59 -42.81 -29.92 24.40
C ASP C 59 -42.49 -28.67 23.61
N ILE C 60 -42.66 -27.52 24.27
CA ILE C 60 -42.43 -26.24 23.65
C ILE C 60 -41.11 -25.66 24.12
N MET C 61 -40.08 -25.87 23.32
CA MET C 61 -38.75 -25.37 23.66
C MET C 61 -38.63 -23.96 23.13
N ILE C 62 -38.55 -23.01 24.06
CA ILE C 62 -38.44 -21.60 23.71
C ILE C 62 -36.98 -21.17 23.72
N SER C 63 -36.57 -20.41 22.72
CA SER C 63 -35.18 -19.97 22.69
C SER C 63 -34.97 -18.70 21.89
N PHE C 64 -33.82 -18.07 22.13
CA PHE C 64 -33.46 -16.84 21.46
C PHE C 64 -32.15 -17.09 20.73
N GLY C 65 -32.16 -16.89 19.42
CA GLY C 65 -30.94 -17.10 18.66
C GLY C 65 -30.85 -16.09 17.52
N ILE C 66 -29.74 -16.10 16.81
CA ILE C 66 -29.52 -15.20 15.68
C ILE C 66 -29.08 -16.00 14.47
N LYS C 67 -29.36 -15.49 13.28
CA LYS C 67 -28.95 -16.16 12.05
C LYS C 67 -29.25 -17.66 12.02
N GLU C 68 -28.24 -18.47 11.73
CA GLU C 68 -28.38 -19.92 11.71
C GLU C 68 -28.35 -20.43 13.15
N HIS C 69 -29.46 -21.01 13.59
CA HIS C 69 -29.55 -21.48 14.96
C HIS C 69 -29.98 -22.93 15.19
N GLY C 70 -30.07 -23.71 14.12
CA GLY C 70 -30.43 -25.11 14.28
C GLY C 70 -31.55 -25.66 13.42
N ASP C 71 -31.89 -24.98 12.33
CA ASP C 71 -32.94 -25.50 11.46
C ASP C 71 -32.96 -24.88 10.08
N PHE C 72 -33.94 -25.31 9.26
CA PHE C 72 -34.10 -24.83 7.89
C PHE C 72 -34.64 -23.40 7.82
N TYR C 73 -34.55 -22.63 8.89
CA TYR C 73 -35.09 -21.28 8.86
C TYR C 73 -34.25 -20.32 9.71
N PRO C 74 -33.14 -19.81 9.16
CA PRO C 74 -32.26 -18.88 9.86
C PRO C 74 -32.87 -17.48 9.93
N PHE C 75 -32.48 -16.73 10.94
CA PHE C 75 -33.03 -15.39 11.08
C PHE C 75 -32.26 -14.43 10.20
N ASP C 76 -32.79 -13.23 10.03
CA ASP C 76 -32.16 -12.25 9.15
C ASP C 76 -31.52 -11.02 9.81
N GLY C 77 -31.26 -11.07 11.11
CA GLY C 77 -30.68 -9.92 11.76
C GLY C 77 -31.80 -8.96 12.14
N PRO C 78 -31.49 -7.72 12.57
CA PRO C 78 -32.51 -6.74 12.97
C PRO C 78 -33.70 -6.68 12.01
N SER C 79 -34.88 -6.56 12.58
CA SER C 79 -36.12 -6.50 11.81
C SER C 79 -36.38 -7.74 10.97
N GLY C 80 -37.21 -7.58 9.94
CA GLY C 80 -37.54 -8.70 9.08
C GLY C 80 -38.27 -9.74 9.91
N LEU C 81 -37.84 -10.99 9.77
CA LEU C 81 -38.44 -12.08 10.54
C LEU C 81 -38.18 -11.76 12.01
N LEU C 82 -39.18 -12.02 12.85
CA LEU C 82 -39.08 -11.74 14.28
C LEU C 82 -38.95 -12.99 15.15
N ALA C 83 -39.65 -14.05 14.75
CA ALA C 83 -39.68 -15.34 15.44
C ALA C 83 -40.48 -16.34 14.59
N HIS C 84 -40.44 -17.60 14.98
CA HIS C 84 -41.21 -18.62 14.26
C HIS C 84 -41.45 -19.81 15.18
N ALA C 85 -42.63 -20.42 15.04
CA ALA C 85 -42.99 -21.57 15.86
C ALA C 85 -43.48 -22.70 14.96
N PHE C 86 -43.18 -23.93 15.37
CA PHE C 86 -43.58 -25.10 14.62
C PHE C 86 -44.86 -25.68 15.21
N PRO C 87 -45.82 -26.06 14.35
CA PRO C 87 -47.08 -26.63 14.79
C PRO C 87 -46.91 -27.89 15.67
N PRO C 88 -47.99 -28.35 16.33
CA PRO C 88 -47.97 -29.52 17.21
C PRO C 88 -47.29 -30.71 16.57
N GLY C 89 -46.47 -31.38 17.37
CA GLY C 89 -45.71 -32.53 16.90
C GLY C 89 -44.53 -32.73 17.83
N PRO C 90 -43.63 -33.69 17.54
CA PRO C 90 -42.45 -33.95 18.36
C PRO C 90 -41.21 -33.19 17.95
N ASN C 91 -40.12 -33.46 18.67
CA ASN C 91 -38.83 -32.80 18.45
C ASN C 91 -39.02 -31.30 18.38
N TYR C 92 -39.03 -30.75 17.17
CA TYR C 92 -39.18 -29.32 17.01
C TYR C 92 -40.65 -28.90 17.00
N GLY C 93 -41.55 -29.86 16.86
CA GLY C 93 -42.95 -29.51 16.86
C GLY C 93 -43.22 -28.68 18.11
N GLY C 94 -44.10 -27.69 17.98
CA GLY C 94 -44.43 -26.85 19.11
C GLY C 94 -43.36 -25.90 19.60
N ASP C 95 -42.12 -26.07 19.16
CA ASP C 95 -41.03 -25.18 19.59
C ASP C 95 -41.12 -23.76 19.06
N ALA C 96 -40.62 -22.82 19.84
CA ALA C 96 -40.63 -21.41 19.45
C ALA C 96 -39.25 -20.75 19.55
N HIS C 97 -38.87 -20.10 18.47
CA HIS C 97 -37.59 -19.40 18.41
C HIS C 97 -37.87 -17.94 18.13
N PHE C 98 -37.14 -17.06 18.80
CA PHE C 98 -37.28 -15.61 18.62
C PHE C 98 -35.94 -15.12 18.14
N ASP C 99 -35.95 -14.16 17.22
CA ASP C 99 -34.71 -13.60 16.71
C ASP C 99 -34.09 -12.68 17.76
N ASP C 100 -32.96 -13.11 18.34
CA ASP C 100 -32.33 -12.29 19.35
C ASP C 100 -31.63 -11.08 18.76
N ASP C 101 -31.91 -10.79 17.50
CA ASP C 101 -31.35 -9.61 16.86
C ASP C 101 -32.39 -8.48 16.84
N GLU C 102 -33.52 -8.72 17.50
CA GLU C 102 -34.58 -7.72 17.60
C GLU C 102 -34.46 -7.15 19.01
N THR C 103 -35.13 -6.04 19.27
CA THR C 103 -35.11 -5.47 20.60
C THR C 103 -36.44 -5.87 21.24
N TRP C 104 -36.38 -6.84 22.14
CA TRP C 104 -37.58 -7.33 22.81
C TRP C 104 -37.90 -6.48 24.00
N THR C 105 -39.19 -6.24 24.22
CA THR C 105 -39.60 -5.38 25.33
C THR C 105 -40.89 -5.75 26.07
N SER C 106 -41.09 -5.05 27.18
CA SER C 106 -42.29 -5.18 28.00
C SER C 106 -43.20 -4.07 27.47
N SER C 107 -42.58 -2.96 27.05
CA SER C 107 -43.29 -1.80 26.53
C SER C 107 -43.73 -1.89 25.07
N SER C 108 -44.16 -0.74 24.55
CA SER C 108 -44.62 -0.64 23.16
C SER C 108 -43.45 -0.35 22.22
N LYS C 109 -42.34 0.12 22.80
CA LYS C 109 -41.12 0.42 22.04
C LYS C 109 -40.54 -0.91 21.51
N GLY C 110 -39.95 -0.91 20.31
CA GLY C 110 -39.40 -2.14 19.74
C GLY C 110 -40.50 -3.13 19.42
N TYR C 111 -40.23 -4.40 19.72
CA TYR C 111 -41.20 -5.47 19.51
C TYR C 111 -41.59 -6.10 20.86
N ASN C 112 -42.84 -5.94 21.25
CA ASN C 112 -43.29 -6.49 22.52
C ASN C 112 -43.25 -8.01 22.54
N LEU C 113 -42.40 -8.53 23.44
CA LEU C 113 -42.19 -9.96 23.64
C LEU C 113 -43.46 -10.75 23.87
N PHE C 114 -44.24 -10.32 24.87
CA PHE C 114 -45.50 -10.98 25.21
C PHE C 114 -46.45 -11.20 24.02
N LEU C 115 -46.68 -10.15 23.24
CA LEU C 115 -47.56 -10.21 22.08
C LEU C 115 -47.04 -11.14 21.01
N VAL C 116 -45.79 -10.95 20.62
CA VAL C 116 -45.19 -11.79 19.61
C VAL C 116 -45.18 -13.24 20.10
N ALA C 117 -44.97 -13.45 21.39
CA ALA C 117 -44.94 -14.80 21.94
C ALA C 117 -46.35 -15.39 21.93
N ALA C 118 -47.34 -14.59 22.29
CA ALA C 118 -48.72 -15.05 22.31
C ALA C 118 -49.03 -15.63 20.94
N HIS C 119 -48.68 -14.85 19.92
CA HIS C 119 -48.88 -15.21 18.52
C HIS C 119 -48.12 -16.48 18.20
N GLU C 120 -46.83 -16.52 18.52
CA GLU C 120 -46.02 -17.68 18.24
C GLU C 120 -46.58 -18.98 18.82
N PHE C 121 -47.16 -18.88 20.02
CA PHE C 121 -47.70 -20.05 20.70
C PHE C 121 -48.95 -20.53 20.00
N GLY C 122 -49.64 -19.62 19.33
CA GLY C 122 -50.81 -20.04 18.59
C GLY C 122 -50.31 -21.08 17.62
N HIS C 123 -49.21 -20.74 16.95
CA HIS C 123 -48.60 -21.66 15.99
C HIS C 123 -48.27 -22.97 16.68
N SER C 124 -47.73 -22.88 17.90
CA SER C 124 -47.37 -24.09 18.64
C SER C 124 -48.59 -24.95 18.91
N LEU C 125 -49.73 -24.29 19.10
CA LEU C 125 -50.97 -24.99 19.37
C LEU C 125 -51.67 -25.52 18.13
N GLY C 126 -51.17 -25.15 16.96
CA GLY C 126 -51.78 -25.62 15.74
C GLY C 126 -52.50 -24.56 14.92
N LEU C 127 -52.39 -23.30 15.34
CA LEU C 127 -53.03 -22.22 14.59
C LEU C 127 -52.14 -21.62 13.50
N ASP C 128 -52.61 -21.67 12.26
CA ASP C 128 -51.85 -21.07 11.17
C ASP C 128 -52.24 -19.58 11.19
N HIS C 129 -51.88 -18.84 10.15
CA HIS C 129 -52.21 -17.43 10.11
C HIS C 129 -53.65 -17.17 9.73
N SER C 130 -54.13 -16.01 10.15
CA SER C 130 -55.50 -15.60 9.88
C SER C 130 -55.56 -14.45 8.88
N LYS C 131 -56.75 -14.24 8.33
CA LYS C 131 -56.98 -13.17 7.38
C LYS C 131 -57.53 -11.95 8.09
N ASP C 132 -58.13 -12.17 9.25
CA ASP C 132 -58.71 -11.09 10.05
C ASP C 132 -57.61 -10.12 10.53
N PRO C 133 -57.55 -8.92 9.94
CA PRO C 133 -56.54 -7.93 10.33
C PRO C 133 -56.60 -7.63 11.83
N GLY C 134 -57.68 -8.04 12.48
CA GLY C 134 -57.82 -7.82 13.89
C GLY C 134 -57.47 -9.05 14.71
N ALA C 135 -57.21 -10.15 14.03
CA ALA C 135 -56.86 -11.40 14.71
C ALA C 135 -55.41 -11.38 15.18
N LEU C 136 -55.17 -12.00 16.33
CA LEU C 136 -53.83 -12.09 16.90
C LEU C 136 -52.92 -12.87 15.96
N MET C 137 -53.49 -13.89 15.33
CA MET C 137 -52.76 -14.74 14.42
C MET C 137 -52.57 -14.12 13.04
N PHE C 138 -52.94 -12.84 12.92
CA PHE C 138 -52.74 -12.13 11.67
C PHE C 138 -51.23 -12.15 11.48
N PRO C 139 -50.77 -12.43 10.25
CA PRO C 139 -49.36 -12.51 9.89
C PRO C 139 -48.52 -11.24 9.96
N ILE C 140 -49.08 -10.19 10.56
CA ILE C 140 -48.37 -8.92 10.68
C ILE C 140 -48.38 -8.40 12.12
N TYR C 141 -47.21 -8.05 12.63
CA TYR C 141 -47.13 -7.52 13.98
C TYR C 141 -47.73 -6.12 14.04
N THR C 142 -48.35 -5.82 15.17
CA THR C 142 -48.96 -4.53 15.43
C THR C 142 -49.13 -4.44 16.94
N TYR C 143 -48.83 -3.27 17.51
CA TYR C 143 -48.94 -3.10 18.95
C TYR C 143 -50.34 -2.64 19.37
N THR C 144 -50.76 -3.09 20.55
CA THR C 144 -52.09 -2.76 21.06
C THR C 144 -52.11 -2.39 22.56
N PHE C 149 -55.14 -6.40 27.11
CA PHE C 149 -55.27 -7.21 25.89
C PHE C 149 -56.47 -8.15 25.93
N MET C 150 -57.15 -8.29 24.80
CA MET C 150 -58.32 -9.17 24.72
C MET C 150 -58.14 -10.04 23.48
N LEU C 151 -57.98 -11.34 23.69
CA LEU C 151 -57.80 -12.28 22.59
C LEU C 151 -59.01 -12.19 21.67
N PRO C 152 -58.81 -11.70 20.43
CA PRO C 152 -59.84 -11.52 19.42
C PRO C 152 -60.67 -12.77 19.19
N ASP C 153 -61.97 -12.59 18.95
CA ASP C 153 -62.88 -13.71 18.75
C ASP C 153 -62.38 -14.72 17.72
N ASP C 154 -61.80 -14.22 16.64
CA ASP C 154 -61.30 -15.08 15.57
C ASP C 154 -60.31 -16.11 16.09
N ASP C 155 -59.43 -15.68 16.99
CA ASP C 155 -58.43 -16.58 17.56
C ASP C 155 -59.09 -17.54 18.55
N VAL C 156 -59.95 -17.02 19.41
CA VAL C 156 -60.64 -17.88 20.38
C VAL C 156 -61.36 -18.98 19.60
N GLN C 157 -62.01 -18.59 18.51
CA GLN C 157 -62.74 -19.56 17.69
C GLN C 157 -61.77 -20.59 17.08
N GLY C 158 -60.57 -20.13 16.76
CA GLY C 158 -59.57 -21.00 16.17
C GLY C 158 -59.17 -22.16 17.07
N ILE C 159 -58.52 -21.89 18.20
CA ILE C 159 -58.09 -22.96 19.11
C ILE C 159 -59.22 -23.81 19.65
N GLN C 160 -60.39 -23.20 19.89
CA GLN C 160 -61.50 -23.98 20.41
C GLN C 160 -61.89 -25.01 19.39
N SER C 161 -61.57 -24.70 18.14
CA SER C 161 -61.85 -25.59 17.03
C SER C 161 -60.94 -26.81 17.11
N LEU C 162 -59.91 -26.73 17.93
CA LEU C 162 -58.95 -27.82 18.05
C LEU C 162 -58.93 -28.45 19.43
N TYR C 163 -59.20 -27.65 20.44
CA TYR C 163 -59.16 -28.14 21.81
C TYR C 163 -60.47 -27.96 22.56
N GLY C 164 -61.42 -27.32 21.91
CA GLY C 164 -62.68 -27.09 22.58
C GLY C 164 -62.51 -25.92 23.52
N PRO C 165 -63.55 -25.54 24.27
CA PRO C 165 -63.51 -24.42 25.22
C PRO C 165 -63.28 -24.82 26.68
N TYR D 1 -2.34 -2.48 -0.53
CA TYR D 1 -3.51 -1.99 -1.31
C TYR D 1 -3.52 -2.55 -2.73
N ASN D 2 -4.55 -2.22 -3.51
CA ASN D 2 -4.68 -2.69 -4.89
C ASN D 2 -5.49 -1.69 -5.70
N VAL D 3 -5.10 -1.44 -6.95
CA VAL D 3 -5.89 -0.52 -7.76
C VAL D 3 -6.50 -1.28 -8.94
N PHE D 4 -7.34 -0.60 -9.72
CA PHE D 4 -7.97 -1.25 -10.88
C PHE D 4 -7.06 -1.12 -12.12
N PRO D 5 -7.08 -2.14 -13.00
CA PRO D 5 -6.25 -2.10 -14.22
C PRO D 5 -6.68 -1.05 -15.23
N THR D 7 -11.84 3.34 -15.13
CA THR D 7 -10.48 3.33 -15.64
C THR D 7 -9.71 4.55 -15.12
N LEU D 8 -8.59 4.26 -14.44
CA LEU D 8 -7.67 5.23 -13.85
C LEU D 8 -8.32 5.93 -12.66
N LYS D 9 -7.74 7.06 -12.27
CA LYS D 9 -8.23 7.88 -11.17
C LYS D 9 -9.05 9.04 -11.77
N TRP D 10 -9.55 9.94 -10.93
CA TRP D 10 -10.32 11.09 -11.41
C TRP D 10 -9.39 12.18 -11.94
N SER D 11 -9.78 12.77 -13.05
CA SER D 11 -8.99 13.83 -13.67
C SER D 11 -9.02 15.15 -12.88
N LYS D 12 -10.05 15.36 -12.07
CA LYS D 12 -10.16 16.58 -11.29
C LYS D 12 -9.93 16.30 -9.81
N MET D 13 -9.81 17.35 -9.01
CA MET D 13 -9.60 17.18 -7.58
C MET D 13 -10.85 17.66 -6.85
N ASN D 14 -11.75 18.31 -7.58
CA ASN D 14 -13.01 18.78 -6.99
C ASN D 14 -14.08 17.81 -7.47
N LEU D 15 -14.56 16.98 -6.56
CA LEU D 15 -15.58 16.01 -6.92
C LEU D 15 -16.92 16.35 -6.27
N THR D 16 -17.99 16.17 -7.03
CA THR D 16 -19.32 16.45 -6.53
C THR D 16 -20.06 15.13 -6.34
N TYR D 17 -20.99 15.12 -5.39
CA TYR D 17 -21.79 13.94 -5.13
C TYR D 17 -23.22 14.33 -4.81
N ARG D 18 -24.14 13.37 -4.93
CA ARG D 18 -25.55 13.60 -4.65
C ARG D 18 -26.20 12.38 -4.01
N ILE D 19 -27.03 12.62 -3.00
CA ILE D 19 -27.73 11.53 -2.33
C ILE D 19 -29.13 11.43 -2.93
N VAL D 20 -29.26 10.62 -3.97
CA VAL D 20 -30.53 10.45 -4.67
C VAL D 20 -31.77 10.19 -3.79
N ASN D 21 -31.71 9.18 -2.93
CA ASN D 21 -32.82 8.87 -2.04
C ASN D 21 -32.30 8.43 -0.67
N TYR D 22 -33.20 8.22 0.29
CA TYR D 22 -32.79 7.82 1.64
C TYR D 22 -33.29 6.49 2.16
N THR D 23 -32.59 5.98 3.17
CA THR D 23 -32.92 4.72 3.83
C THR D 23 -33.89 5.01 4.98
N PRO D 24 -34.82 4.08 5.27
CA PRO D 24 -35.80 4.27 6.35
C PRO D 24 -35.15 4.27 7.73
N ASP D 25 -34.14 3.42 7.88
CA ASP D 25 -33.44 3.20 9.13
C ASP D 25 -32.68 4.33 9.78
N MET D 26 -32.43 5.40 9.05
CA MET D 26 -31.70 6.56 9.58
C MET D 26 -32.40 7.84 9.12
N THR D 27 -32.12 8.94 9.81
CA THR D 27 -32.72 10.21 9.41
C THR D 27 -31.83 10.78 8.34
N HIS D 28 -32.38 11.77 7.62
CA HIS D 28 -31.65 12.44 6.57
C HIS D 28 -30.31 12.96 7.08
N SER D 29 -30.34 13.63 8.23
CA SER D 29 -29.13 14.18 8.83
C SER D 29 -28.14 13.09 9.17
N GLU D 30 -28.60 12.03 9.81
CA GLU D 30 -27.72 10.92 10.14
C GLU D 30 -27.08 10.43 8.84
N VAL D 31 -27.91 10.27 7.81
CA VAL D 31 -27.47 9.81 6.52
C VAL D 31 -26.50 10.77 5.86
N GLU D 32 -26.82 12.06 5.91
CA GLU D 32 -25.95 13.07 5.33
C GLU D 32 -24.63 13.15 6.07
N LYS D 33 -24.71 13.02 7.40
CA LYS D 33 -23.56 13.06 8.27
C LYS D 33 -22.65 11.86 8.00
N ALA D 34 -23.23 10.67 7.85
CA ALA D 34 -22.47 9.45 7.59
C ALA D 34 -21.67 9.53 6.29
N PHE D 35 -22.28 10.05 5.23
CA PHE D 35 -21.58 10.16 3.94
C PHE D 35 -20.51 11.24 3.99
N LYS D 36 -20.86 12.35 4.65
CA LYS D 36 -19.97 13.49 4.78
C LYS D 36 -18.66 13.06 5.47
N LYS D 37 -18.80 12.28 6.54
CA LYS D 37 -17.66 11.78 7.30
C LYS D 37 -16.86 10.74 6.51
N ALA D 38 -17.57 9.95 5.72
CA ALA D 38 -16.93 8.92 4.90
C ALA D 38 -16.07 9.57 3.84
N PHE D 39 -16.48 10.73 3.35
CA PHE D 39 -15.70 11.45 2.33
C PHE D 39 -14.48 12.10 2.99
N LYS D 40 -14.67 12.66 4.18
CA LYS D 40 -13.57 13.29 4.89
C LYS D 40 -12.48 12.26 5.07
N VAL D 41 -12.87 10.99 5.16
CA VAL D 41 -11.88 9.94 5.33
C VAL D 41 -10.80 10.07 4.25
N TRP D 42 -11.24 10.18 3.00
CA TRP D 42 -10.29 10.28 1.91
C TRP D 42 -9.74 11.67 1.67
N SER D 43 -10.57 12.70 1.82
CA SER D 43 -10.11 14.07 1.61
C SER D 43 -9.08 14.57 2.63
N ASP D 44 -9.04 13.96 3.81
CA ASP D 44 -8.07 14.36 4.84
C ASP D 44 -6.65 13.98 4.43
N VAL D 45 -6.51 12.93 3.64
CA VAL D 45 -5.19 12.46 3.20
C VAL D 45 -4.94 12.57 1.71
N THR D 46 -5.55 13.57 1.10
CA THR D 46 -5.38 13.78 -0.33
C THR D 46 -5.86 15.19 -0.63
N PRO D 47 -5.48 15.73 -1.79
CA PRO D 47 -5.90 17.07 -2.19
C PRO D 47 -7.38 17.07 -2.62
N LEU D 48 -7.98 15.88 -2.55
CA LEU D 48 -9.37 15.64 -2.92
C LEU D 48 -10.38 16.45 -2.12
N ASN D 49 -11.32 17.05 -2.83
CA ASN D 49 -12.37 17.87 -2.22
C ASN D 49 -13.72 17.34 -2.72
N PHE D 50 -14.68 17.22 -1.80
CA PHE D 50 -16.01 16.73 -2.15
C PHE D 50 -17.08 17.76 -1.88
N THR D 51 -17.90 18.02 -2.89
CA THR D 51 -18.97 18.99 -2.80
C THR D 51 -20.30 18.26 -2.99
N ARG D 52 -21.30 18.64 -2.22
CA ARG D 52 -22.61 17.99 -2.30
C ARG D 52 -23.69 18.78 -3.03
N LEU D 53 -24.20 18.21 -4.11
CA LEU D 53 -25.27 18.84 -4.89
C LEU D 53 -26.61 18.33 -4.41
N HIS D 54 -27.64 19.15 -4.57
CA HIS D 54 -28.98 18.75 -4.17
C HIS D 54 -29.72 18.14 -5.36
N ASP D 55 -29.67 18.81 -6.50
CA ASP D 55 -30.33 18.31 -7.70
C ASP D 55 -29.33 17.97 -8.77
N GLY D 56 -29.84 17.65 -9.97
CA GLY D 56 -29.01 17.34 -11.10
C GLY D 56 -28.08 16.15 -10.95
N ILE D 57 -27.12 16.06 -11.86
CA ILE D 57 -26.17 14.97 -11.86
C ILE D 57 -24.81 15.31 -11.24
N ALA D 58 -24.32 14.42 -10.39
CA ALA D 58 -23.04 14.59 -9.73
C ALA D 58 -22.13 13.45 -10.17
N ASP D 59 -20.83 13.58 -9.89
CA ASP D 59 -19.87 12.56 -10.25
C ASP D 59 -20.14 11.26 -9.49
N ILE D 60 -20.40 11.39 -8.19
CA ILE D 60 -20.70 10.23 -7.35
C ILE D 60 -22.17 10.30 -6.95
N MET D 61 -22.99 9.50 -7.64
CA MET D 61 -24.42 9.46 -7.37
C MET D 61 -24.70 8.36 -6.35
N ILE D 62 -25.15 8.78 -5.17
CA ILE D 62 -25.45 7.87 -4.07
C ILE D 62 -26.93 7.60 -3.94
N SER D 63 -27.29 6.31 -3.85
CA SER D 63 -28.69 5.90 -3.73
C SER D 63 -28.87 4.55 -3.03
N PHE D 64 -30.06 4.33 -2.50
CA PHE D 64 -30.40 3.08 -1.82
C PHE D 64 -31.39 2.27 -2.68
N GLY D 65 -31.12 0.99 -2.90
CA GLY D 65 -32.03 0.17 -3.68
C GLY D 65 -32.07 -1.27 -3.16
N ILE D 66 -32.92 -2.11 -3.74
CA ILE D 66 -33.00 -3.53 -3.35
C ILE D 66 -33.14 -4.41 -4.60
N LYS D 67 -32.67 -5.65 -4.52
CA LYS D 67 -32.73 -6.56 -5.67
C LYS D 67 -32.31 -5.77 -6.92
N GLU D 68 -33.09 -5.90 -8.00
CA GLU D 68 -32.82 -5.20 -9.25
C GLU D 68 -33.07 -3.72 -9.05
N HIS D 69 -32.06 -2.88 -9.29
CA HIS D 69 -32.21 -1.45 -9.09
C HIS D 69 -31.76 -0.55 -10.23
N GLY D 70 -31.41 -1.14 -11.38
CA GLY D 70 -30.98 -0.33 -12.50
C GLY D 70 -29.69 -0.75 -13.18
N ASP D 71 -29.19 -1.93 -12.84
CA ASP D 71 -27.97 -2.41 -13.47
C ASP D 71 -27.87 -3.94 -13.53
N PHE D 72 -26.84 -4.44 -14.19
CA PHE D 72 -26.64 -5.87 -14.33
C PHE D 72 -26.54 -6.54 -12.96
N TYR D 73 -26.35 -5.73 -11.92
CA TYR D 73 -26.13 -6.27 -10.58
C TYR D 73 -27.20 -6.01 -9.52
N PRO D 74 -28.10 -6.98 -9.32
CA PRO D 74 -29.14 -6.79 -8.32
C PRO D 74 -28.61 -7.13 -6.94
N PHE D 75 -29.38 -6.80 -5.91
CA PHE D 75 -29.01 -7.09 -4.53
C PHE D 75 -29.73 -8.35 -4.03
N ASP D 76 -29.16 -8.95 -3.00
CA ASP D 76 -29.68 -10.21 -2.42
C ASP D 76 -30.41 -10.10 -1.09
N GLY D 77 -31.15 -9.03 -0.87
CA GLY D 77 -31.88 -8.91 0.38
C GLY D 77 -30.99 -8.82 1.60
N PRO D 78 -31.53 -9.09 2.79
CA PRO D 78 -30.77 -9.02 4.04
C PRO D 78 -29.45 -9.76 3.97
N SER D 79 -28.39 -9.04 4.32
CA SER D 79 -27.02 -9.55 4.34
C SER D 79 -26.44 -9.83 2.96
N GLY D 80 -25.49 -10.76 2.89
CA GLY D 80 -24.87 -11.04 1.61
C GLY D 80 -24.23 -9.75 1.14
N LEU D 81 -24.44 -9.42 -0.11
CA LEU D 81 -23.91 -8.19 -0.67
C LEU D 81 -24.44 -7.04 0.19
N LEU D 82 -23.59 -6.07 0.49
CA LEU D 82 -24.01 -4.93 1.33
C LEU D 82 -24.17 -3.64 0.54
N ALA D 83 -23.36 -3.50 -0.50
CA ALA D 83 -23.37 -2.33 -1.38
C ALA D 83 -22.27 -2.55 -2.40
N HIS D 84 -22.21 -1.71 -3.42
CA HIS D 84 -21.16 -1.84 -4.43
C HIS D 84 -21.07 -0.54 -5.23
N ALA D 85 -19.85 -0.16 -5.58
CA ALA D 85 -19.63 1.07 -6.34
C ALA D 85 -18.91 0.81 -7.65
N PHE D 86 -18.73 1.87 -8.41
CA PHE D 86 -18.09 1.76 -9.71
C PHE D 86 -16.83 2.63 -9.77
N PRO D 87 -15.74 2.08 -10.30
CA PRO D 87 -14.49 2.83 -10.40
C PRO D 87 -14.70 4.13 -11.20
N PRO D 88 -13.77 5.10 -11.07
CA PRO D 88 -13.78 6.41 -11.72
C PRO D 88 -14.12 6.41 -13.22
N GLY D 89 -15.03 7.30 -13.62
CA GLY D 89 -15.43 7.39 -15.01
C GLY D 89 -16.79 8.06 -15.15
N PRO D 90 -17.22 8.39 -16.38
CA PRO D 90 -18.51 9.04 -16.65
C PRO D 90 -19.76 8.19 -16.39
N ASN D 91 -20.83 8.85 -16.03
CA ASN D 91 -22.10 8.21 -15.76
C ASN D 91 -22.06 7.40 -14.48
N TYR D 92 -22.23 6.09 -14.61
CA TYR D 92 -22.22 5.20 -13.46
C TYR D 92 -20.91 5.19 -12.73
N GLY D 93 -19.86 5.63 -13.44
CA GLY D 93 -18.54 5.68 -12.85
C GLY D 93 -18.50 6.42 -11.54
N GLY D 94 -18.01 5.76 -10.50
CA GLY D 94 -17.93 6.40 -9.20
C GLY D 94 -19.19 6.27 -8.38
N ASP D 95 -20.32 6.03 -9.03
CA ASP D 95 -21.59 5.87 -8.33
C ASP D 95 -21.55 4.74 -7.30
N ALA D 96 -22.27 4.91 -6.20
CA ALA D 96 -22.31 3.89 -5.17
C ALA D 96 -23.73 3.57 -4.71
N HIS D 97 -24.09 2.29 -4.73
CA HIS D 97 -25.41 1.89 -4.30
C HIS D 97 -25.28 1.07 -3.04
N PHE D 98 -26.22 1.23 -2.13
CA PHE D 98 -26.23 0.48 -0.86
C PHE D 98 -27.51 -0.36 -0.86
N ASP D 99 -27.42 -1.61 -0.40
CA ASP D 99 -28.59 -2.46 -0.37
C ASP D 99 -29.52 -2.02 0.75
N ASP D 100 -30.73 -1.62 0.40
CA ASP D 100 -31.64 -1.17 1.43
C ASP D 100 -32.24 -2.31 2.22
N ASP D 101 -31.82 -3.53 1.91
CA ASP D 101 -32.34 -4.65 2.66
C ASP D 101 -31.46 -4.98 3.85
N GLU D 102 -30.62 -4.01 4.21
CA GLU D 102 -29.74 -4.09 5.35
C GLU D 102 -30.30 -3.04 6.28
N THR D 103 -30.05 -3.18 7.57
CA THR D 103 -30.48 -2.18 8.53
C THR D 103 -29.30 -1.25 8.58
N TRP D 104 -29.47 -0.01 8.16
CA TRP D 104 -28.33 0.90 8.21
C TRP D 104 -28.32 1.76 9.46
N THR D 105 -27.19 1.74 10.16
CA THR D 105 -27.04 2.51 11.39
C THR D 105 -25.74 3.28 11.53
N SER D 106 -25.67 3.99 12.66
CA SER D 106 -24.55 4.81 13.10
C SER D 106 -24.01 4.15 14.37
N SER D 107 -24.27 2.85 14.49
CA SER D 107 -23.84 2.07 15.65
C SER D 107 -23.30 0.72 15.21
N SER D 108 -23.31 -0.22 16.14
CA SER D 108 -22.87 -1.58 15.91
C SER D 108 -24.04 -2.36 15.32
N LYS D 109 -25.25 -1.84 15.54
CA LYS D 109 -26.46 -2.48 15.04
C LYS D 109 -26.44 -2.65 13.52
N GLY D 110 -27.12 -3.65 13.00
CA GLY D 110 -27.14 -3.86 11.56
C GLY D 110 -25.75 -3.66 10.97
N TYR D 111 -25.63 -2.72 10.03
CA TYR D 111 -24.34 -2.40 9.39
C TYR D 111 -24.15 -0.90 9.48
N ASN D 112 -23.06 -0.47 10.08
CA ASN D 112 -22.79 0.96 10.20
C ASN D 112 -22.63 1.52 8.78
N LEU D 113 -23.38 2.58 8.47
CA LEU D 113 -23.34 3.19 7.15
C LEU D 113 -22.02 3.89 6.84
N PHE D 114 -21.55 4.68 7.80
CA PHE D 114 -20.31 5.43 7.67
C PHE D 114 -19.17 4.53 7.16
N LEU D 115 -18.96 3.42 7.86
CA LEU D 115 -17.91 2.47 7.52
C LEU D 115 -18.03 1.92 6.12
N VAL D 116 -19.17 1.34 5.79
CA VAL D 116 -19.37 0.75 4.45
C VAL D 116 -19.20 1.83 3.38
N ALA D 117 -19.82 2.98 3.60
CA ALA D 117 -19.72 4.08 2.66
C ALA D 117 -18.27 4.50 2.47
N ALA D 118 -17.53 4.66 3.57
CA ALA D 118 -16.12 5.02 3.47
C ALA D 118 -15.47 4.04 2.47
N HIS D 119 -15.62 2.76 2.78
CA HIS D 119 -15.13 1.67 1.95
C HIS D 119 -15.57 1.86 0.51
N GLU D 120 -16.88 1.84 0.28
CA GLU D 120 -17.42 1.99 -1.07
C GLU D 120 -16.89 3.18 -1.83
N PHE D 121 -16.57 4.27 -1.13
CA PHE D 121 -16.06 5.47 -1.79
C PHE D 121 -14.59 5.31 -2.18
N GLY D 122 -13.94 4.31 -1.60
CA GLY D 122 -12.55 4.07 -1.97
C GLY D 122 -12.60 3.50 -3.38
N HIS D 123 -13.62 2.69 -3.62
CA HIS D 123 -13.84 2.07 -4.92
C HIS D 123 -14.16 3.17 -5.92
N SER D 124 -15.01 4.10 -5.51
CA SER D 124 -15.39 5.22 -6.36
C SER D 124 -14.14 6.01 -6.74
N LEU D 125 -13.15 5.97 -5.84
CA LEU D 125 -11.89 6.69 -6.03
C LEU D 125 -10.75 5.90 -6.70
N GLY D 126 -11.07 4.73 -7.24
CA GLY D 126 -10.06 3.94 -7.94
C GLY D 126 -9.22 3.00 -7.10
N LEU D 127 -9.86 2.27 -6.20
CA LEU D 127 -9.16 1.32 -5.34
C LEU D 127 -9.86 -0.03 -5.26
N ASP D 128 -9.17 -1.06 -5.73
CA ASP D 128 -9.69 -2.43 -5.71
C ASP D 128 -9.56 -2.92 -4.26
N HIS D 129 -9.64 -4.23 -4.06
CA HIS D 129 -9.54 -4.77 -2.71
C HIS D 129 -8.13 -5.04 -2.23
N SER D 130 -7.87 -4.64 -1.00
CA SER D 130 -6.57 -4.86 -0.37
C SER D 130 -6.49 -6.31 0.04
N LYS D 131 -5.29 -6.77 0.34
CA LYS D 131 -5.10 -8.14 0.78
C LYS D 131 -4.67 -8.07 2.24
N ASP D 132 -4.78 -6.87 2.79
CA ASP D 132 -4.42 -6.60 4.17
C ASP D 132 -5.64 -6.59 5.09
N PRO D 133 -5.90 -7.71 5.78
CA PRO D 133 -7.02 -7.90 6.71
C PRO D 133 -7.29 -6.73 7.63
N GLY D 134 -6.32 -5.83 7.74
CA GLY D 134 -6.48 -4.67 8.61
C GLY D 134 -6.90 -3.41 7.88
N ALA D 135 -6.83 -3.46 6.56
CA ALA D 135 -7.18 -2.32 5.71
C ALA D 135 -8.69 -2.16 5.51
N LEU D 136 -9.12 -0.91 5.45
CA LEU D 136 -10.52 -0.58 5.23
C LEU D 136 -11.01 -1.19 3.91
N MET D 137 -10.16 -1.18 2.90
CA MET D 137 -10.52 -1.72 1.60
C MET D 137 -10.49 -3.24 1.53
N PHE D 138 -10.59 -3.85 2.70
CA PHE D 138 -10.65 -5.31 2.81
C PHE D 138 -12.12 -5.62 2.51
N PRO D 139 -12.38 -6.71 1.78
CA PRO D 139 -13.73 -7.15 1.39
C PRO D 139 -14.57 -7.89 2.44
N ILE D 140 -14.28 -7.66 3.72
CA ILE D 140 -15.04 -8.28 4.80
C ILE D 140 -15.31 -7.18 5.80
N TYR D 141 -16.59 -6.97 6.11
CA TYR D 141 -17.00 -5.93 7.04
C TYR D 141 -16.60 -6.20 8.49
N THR D 142 -15.93 -5.21 9.08
CA THR D 142 -15.45 -5.28 10.44
C THR D 142 -15.89 -3.98 11.12
N TYR D 143 -16.51 -4.10 12.29
CA TYR D 143 -16.95 -2.91 13.03
C TYR D 143 -15.87 -2.45 14.00
N THR D 144 -15.63 -1.13 14.06
CA THR D 144 -14.62 -0.57 14.96
C THR D 144 -15.14 0.61 15.79
N HIS D 148 -14.14 7.62 17.04
CA HIS D 148 -13.25 8.36 16.14
C HIS D 148 -12.43 7.39 15.28
N PHE D 149 -12.63 7.45 13.96
CA PHE D 149 -11.94 6.54 13.03
C PHE D 149 -10.66 7.07 12.38
N MET D 150 -9.62 6.25 12.42
CA MET D 150 -8.32 6.58 11.84
C MET D 150 -8.05 5.67 10.66
N LEU D 151 -7.93 6.27 9.47
CA LEU D 151 -7.69 5.49 8.26
C LEU D 151 -6.39 4.69 8.28
N PRO D 152 -6.46 3.39 7.98
CA PRO D 152 -5.30 2.48 7.95
C PRO D 152 -4.22 2.94 6.99
N ASP D 153 -2.95 2.82 7.39
CA ASP D 153 -1.84 3.25 6.56
C ASP D 153 -1.89 2.64 5.15
N ASP D 154 -2.31 1.38 5.05
CA ASP D 154 -2.36 0.74 3.73
C ASP D 154 -3.20 1.57 2.78
N ASP D 155 -4.39 1.94 3.22
CA ASP D 155 -5.30 2.73 2.40
C ASP D 155 -4.72 4.11 2.13
N VAL D 156 -4.00 4.66 3.10
CA VAL D 156 -3.37 5.97 2.95
C VAL D 156 -2.37 5.91 1.80
N GLN D 157 -1.72 4.76 1.64
CA GLN D 157 -0.76 4.61 0.55
C GLN D 157 -1.53 4.33 -0.75
N GLY D 158 -2.73 3.77 -0.60
CA GLY D 158 -3.57 3.46 -1.74
C GLY D 158 -4.04 4.65 -2.54
N ILE D 159 -4.74 5.60 -1.88
CA ILE D 159 -5.23 6.78 -2.59
C ILE D 159 -4.12 7.78 -2.89
N GLN D 160 -3.11 7.81 -2.04
CA GLN D 160 -2.05 8.76 -2.27
C GLN D 160 -1.29 8.38 -3.52
N SER D 161 -1.18 7.09 -3.81
CA SER D 161 -0.46 6.69 -5.00
C SER D 161 -1.17 7.24 -6.25
N LEU D 162 -2.44 7.62 -6.09
CA LEU D 162 -3.21 8.16 -7.21
C LEU D 162 -3.34 9.68 -7.24
N TYR D 163 -3.58 10.28 -6.08
CA TYR D 163 -3.75 11.73 -5.97
C TYR D 163 -2.63 12.38 -5.15
N GLY D 164 -1.90 11.55 -4.41
CA GLY D 164 -0.80 12.06 -3.61
C GLY D 164 -1.30 12.50 -2.25
N PRO D 165 -0.39 12.91 -1.34
CA PRO D 165 -0.78 13.35 0.01
C PRO D 165 -1.58 14.66 0.01
ZN ZN E . 50.26 -0.96 -8.18
ZN ZN F . 44.26 -1.50 3.13
CA CA G . 40.12 6.24 -4.30
CA CA H . 48.43 -12.73 4.05
CA CA I . 24.02 -11.18 -5.47
C1 347 J . 45.67 -2.71 -17.09
C2 347 J . 45.55 -2.35 -15.67
C3 347 J . 45.43 -2.06 -14.52
C4 347 J . 45.26 -1.70 -13.11
N1 347 J . 46.28 -0.75 -12.68
C5 347 J . 46.21 0.02 -11.52
C6 347 J . 45.60 -0.40 -10.29
C7 347 J . 45.56 0.45 -9.15
C8 347 J . 46.13 1.76 -9.20
C9 347 J . 46.75 2.21 -10.39
C10 347 J . 46.79 1.34 -11.54
S1 347 J . 46.04 2.82 -7.77
O1 347 J . 45.59 1.96 -6.68
O2 347 J . 45.20 3.98 -8.12
C11 347 J . 47.71 3.44 -7.44
C12 347 J . 48.58 2.69 -6.41
C13 347 J . 47.85 2.63 -4.98
C14 347 J . 48.77 2.15 -3.85
N2 347 J . 49.93 2.99 -3.76
C15 347 J . 50.78 3.06 -5.00
C16 347 J . 49.93 3.51 -6.23
C17 347 J . 50.33 3.66 -2.57
O3 347 J . 49.76 3.53 -1.45
O4 347 J . 51.44 4.49 -2.84
C18 347 J . 52.16 5.52 -2.04
C19 347 J . 52.00 6.81 -2.83
C20 347 J . 51.49 5.74 -0.67
C21 347 J . 53.63 5.16 -1.86
C22 347 J . 48.89 1.26 -6.95
O5 347 J . 49.55 1.10 -7.97
N3 347 J . 48.29 0.22 -6.25
O6 347 J . 48.55 -1.07 -6.68
ZN ZN K . 20.03 19.28 -4.79
ZN ZN L . 29.65 22.12 -12.50
CA CA M . 28.71 11.03 -10.71
CA CA N . 23.62 31.30 -15.55
C1 347 O . 12.39 12.76 -6.96
C2 347 O . 13.68 13.38 -7.31
C3 347 O . 14.74 13.86 -7.61
C4 347 O . 16.03 14.43 -7.98
N1 347 O . 16.81 14.73 -6.79
C5 347 O . 18.22 14.72 -6.67
C6 347 O . 19.15 14.99 -7.71
C7 347 O . 20.56 14.94 -7.49
C8 347 O . 21.06 14.61 -6.19
C9 347 O . 20.18 14.35 -5.14
C10 347 O . 18.76 14.41 -5.39
S1 347 O . 22.85 14.53 -5.91
O1 347 O . 23.43 15.16 -7.09
O2 347 O . 23.16 13.12 -5.62
C11 347 O . 23.28 15.45 -4.40
C12 347 O . 23.75 16.93 -4.54
C13 347 O . 25.03 17.00 -5.48
C14 347 O . 25.75 18.36 -5.46
N2 347 O . 26.14 18.74 -4.12
C15 347 O . 25.00 18.84 -3.13
C16 347 O . 24.18 17.48 -3.09
C17 347 O . 27.52 19.08 -3.76
O3 347 O . 28.45 19.04 -4.60
O4 347 O . 27.69 19.43 -2.39
C18 347 O . 28.98 19.74 -1.60
C19 347 O . 29.17 18.58 -0.65
C20 347 O . 30.23 19.71 -2.53
C21 347 O . 28.92 21.10 -0.86
C22 347 O . 22.50 17.70 -5.11
O5 347 O . 21.40 17.57 -4.56
N3 347 O . 22.65 18.49 -6.23
O6 347 O . 21.49 19.16 -6.68
ZN ZN P . -46.89 -16.20 12.74
ZN ZN Q . -35.63 -21.75 14.30
CA CA R . -35.04 -10.77 12.13
CA CA S . -41.08 -29.43 20.53
CA CA T . -31.32 -11.04 35.30
C1 347 U . -50.65 -8.58 18.08
C2 347 U . -49.53 -9.39 17.59
C3 347 U . -48.58 -10.01 17.22
C4 347 U . -47.39 -10.74 16.82
N1 347 U . -47.50 -11.24 15.46
C5 347 U . -46.43 -11.55 14.62
C6 347 U . -45.13 -11.98 15.05
C7 347 U . -44.09 -12.26 14.13
C8 347 U . -44.33 -12.13 12.74
C9 347 U . -45.59 -11.72 12.26
C10 347 U . -46.64 -11.44 13.21
S1 347 U . -42.97 -12.46 11.60
O1 347 U . -42.03 -13.24 12.40
O2 347 U . -42.56 -11.17 11.05
C11 347 U . -43.60 -13.42 10.19
C12 347 U . -43.48 -14.95 10.24
C13 347 U . -41.96 -15.38 10.50
C14 347 U . -41.70 -16.86 10.31
N2 347 U . -42.08 -17.32 8.99
C15 347 U . -43.54 -17.08 8.64
C16 347 U . -43.91 -15.56 8.83
C17 347 U . -41.17 -18.04 8.11
O3 347 U . -40.00 -18.36 8.45
O4 347 U . -41.72 -18.36 6.85
C18 347 U . -41.09 -19.12 5.67
C19 347 U . -41.94 -18.86 4.44
C20 347 U . -39.68 -18.54 5.41
C21 347 U . -40.95 -20.65 5.96
C22 347 U . -44.43 -15.44 11.38
O5 347 U . -45.65 -15.24 11.29
N3 347 U . -43.88 -16.06 12.48
O6 347 U . -44.75 -16.51 13.47
ZN ZN V . -15.50 -3.52 -1.73
ZN ZN W . -26.14 -1.02 -8.39
CA CA X . -27.72 -7.56 0.78
CA CA Y . -21.03 8.44 -11.71
C1 347 Z . -13.83 -1.75 8.42
C2 347 Z . -14.79 -1.84 7.30
C3 347 Z . -15.60 -1.90 6.41
C4 347 Z . -16.60 -1.96 5.34
N1 347 Z . -16.20 -2.93 4.34
C5 347 Z . -17.06 -3.67 3.52
C6 347 Z . -18.24 -3.17 2.90
C7 347 Z . -19.06 -3.98 2.07
C8 347 Z . -18.71 -5.33 1.82
C9 347 Z . -17.53 -5.88 2.39
C10 347 Z . -16.71 -5.03 3.22
S1 347 Z . -19.79 -6.32 0.79
O1 347 Z . -20.66 -5.31 0.17
O2 347 Z . -20.39 -7.34 1.64
C11 347 Z . -18.79 -7.20 -0.42
C12 347 Z . -18.65 -6.62 -1.82
C13 347 Z . -20.09 -6.32 -2.43
C14 347 Z . -20.08 -5.99 -3.92
N2 347 Z . -19.48 -7.03 -4.67
C15 347 Z . -18.06 -7.38 -4.28
C16 347 Z . -17.97 -7.71 -2.75
C17 347 Z . -20.12 -7.68 -5.77
O3 347 Z . -21.27 -7.35 -6.19
O4 347 Z . -19.33 -8.71 -6.28
C18 347 Z . -19.56 -9.73 -7.34
C19 347 Z . -19.57 -11.08 -6.62
C20 347 Z . -20.96 -9.57 -8.00
C21 347 Z . -18.44 -9.67 -8.39
C22 347 Z . -17.79 -5.33 -1.72
O5 347 Z . -16.63 -5.37 -1.30
N3 347 Z . -18.40 -4.15 -2.07
O6 347 Z . -17.62 -3.00 -1.99
#